data_1FL8
#
_entry.id   1FL8
#
_cell.length_a   1.000
_cell.length_b   1.000
_cell.length_c   1.000
_cell.angle_alpha   90.00
_cell.angle_beta   90.00
_cell.angle_gamma   90.00
#
_symmetry.space_group_name_H-M   'P 1'
#
_entity_poly.entity_id   1
_entity_poly.type   'polyribonucleotide'
_entity_poly.pdbx_seq_one_letter_code
;UCAGACU(U8U)UU(T6A)A(PSU)CUGA
;
_entity_poly.pdbx_strand_id   A
#
loop_
_chem_comp.id
_chem_comp.type
_chem_comp.name
_chem_comp.formula
A RNA linking ADENOSINE-5'-MONOPHOSPHATE 'C10 H14 N5 O7 P'
C RNA linking CYTIDINE-5'-MONOPHOSPHATE 'C9 H14 N3 O8 P'
G RNA linking GUANOSINE-5'-MONOPHOSPHATE 'C10 H14 N5 O8 P'
PSU RNA linking PSEUDOURIDINE-5'-MONOPHOSPHATE 'C9 H13 N2 O9 P'
T6A RNA linking N-[N-(9-B-D-RIBOFURANOSYLPURIN-6-YL)CARBAMOYL]THREONINE-5'-MONOPHOSPHATE 'C15 H21 N6 O11 P'
U RNA linking URIDINE-5'-MONOPHOSPHATE 'C9 H13 N2 O9 P'
U8U RNA linking 5-METHYLAMINOMETHYL-2-THIOURIDINE-5'-MONOPHOSPHATE 'C11 H18 N3 O8 P S'
#
# COMPACT_ATOMS: atom_id res chain seq x y z
N1 U8U A 8 4.99 -1.46 -0.16
C2 U8U A 8 5.34 -1.49 -1.45
S2 U8U A 8 7.08 -1.46 -1.97
N3 U8U A 8 4.35 -1.55 -2.41
C4 U8U A 8 2.98 -1.60 -2.18
O4 U8U A 8 2.20 -1.67 -3.13
C5 U8U A 8 2.62 -1.53 -0.78
C6 U8U A 8 3.57 -1.45 0.17
C U8U A 8 1.15 -1.57 -0.39
N U8U A 8 0.70 -0.21 -0.07
CA U8U A 8 -0.73 -0.13 0.26
C1' U8U A 8 5.96 -1.47 0.93
O2' U8U A 8 7.76 0.13 1.03
C2' U8U A 8 6.39 -0.05 1.32
O3' U8U A 8 7.22 0.70 3.52
C3' U8U A 8 6.15 0.04 2.82
C4' U8U A 8 6.08 -1.43 3.23
O4' U8U A 8 5.49 -2.09 2.12
C5' U8U A 8 5.30 -1.70 4.52
O5' U8U A 8 3.97 -1.21 4.42
P U8U A 8 2.97 -1.36 5.66
OP1 U8U A 8 2.65 -2.79 5.84
OP2 U8U A 8 3.54 -0.59 6.80
HN3 U8U A 8 4.65 -1.58 -3.37
H6 U8U A 8 3.26 -1.37 1.21
HC1 U8U A 8 0.56 -1.97 -1.22
HC2 U8U A 8 1.02 -2.22 0.47
HN1 U8U A 8 0.89 0.39 -0.86
HA1 U8U A 8 -0.96 -0.79 1.10
HA2 U8U A 8 -0.98 0.90 0.53
HA3 U8U A 8 -1.33 -0.43 -0.59
H1' U8U A 8 6.86 -2.02 0.62
HO2' U8U A 8 8.10 0.87 1.57
H2' U8U A 8 5.77 0.69 0.79
H3' U8U A 8 5.19 0.52 3.02
H4' U8U A 8 7.10 -1.82 3.33
H5' U8U A 8 5.29 -2.78 4.70
H5'' U8U A 8 5.80 -1.20 5.34
HN2 U8U A 8 1.24 0.13 0.73
P T6A A 11 3.93 11.96 -2.42
OP1 T6A A 11 4.54 13.30 -2.53
OP2 T6A A 11 3.44 11.49 -1.10
O5' T6A A 11 2.70 11.89 -3.46
C5' T6A A 11 2.73 12.60 -4.68
C4' T6A A 11 1.50 12.24 -5.50
O4' T6A A 11 1.31 10.83 -5.47
C3' T6A A 11 0.22 12.84 -4.95
O3' T6A A 11 0.01 14.15 -5.48
C2' T6A A 11 -0.84 11.83 -5.42
O2' T6A A 11 -1.35 12.22 -6.68
C1' T6A A 11 -0.08 10.52 -5.56
N9 T6A A 11 -0.48 9.60 -4.52
C8 T6A A 11 -0.04 9.60 -3.24
N7 T6A A 11 -0.67 8.71 -2.51
C5 T6A A 11 -1.58 8.13 -3.39
C6 T6A A 11 -2.57 7.14 -3.24
N6 T6A A 11 -2.78 6.52 -1.93
N1 T6A A 11 -3.30 6.83 -4.32
C2 T6A A 11 -3.14 7.41 -5.53
N3 T6A A 11 -2.21 8.36 -5.74
C4 T6A A 11 -1.49 8.67 -4.64
C10 T6A A 11 -3.74 5.56 -1.65
O10 T6A A 11 -3.82 5.12 -0.51
N11 T6A A 11 -4.60 5.09 -2.62
C12 T6A A 11 -5.59 4.10 -2.24
C13 T6A A 11 -4.87 2.82 -1.79
ODA T6A A 11 -5.54 2.01 -1.11
ODB T6A A 11 -3.69 2.68 -2.15
C14 T6A A 11 -6.52 3.82 -3.41
O14 T6A A 11 -5.74 3.75 -4.59
C15 T6A A 11 -7.57 4.91 -3.58
H5' T6A A 11 3.63 12.33 -5.24
H5'' T6A A 11 2.74 13.68 -4.49
H4' T6A A 11 1.63 12.54 -6.54
H3' T6A A 11 0.28 12.85 -3.85
H2' T6A A 11 -1.63 11.71 -4.67
HO2' T6A A 11 -0.62 12.29 -7.31
H1' T6A A 11 -0.27 10.09 -6.56
H8 T6A A 11 0.73 10.25 -2.86
HN6 T6A A 11 -2.18 6.83 -1.17
H2 T6A A 11 -3.76 7.10 -6.34
HN1 T6A A 11 -4.52 5.47 -3.55
H12 T6A A 11 -6.16 4.50 -1.40
H14 T6A A 11 -7.00 2.85 -3.28
HO4 T6A A 11 -6.32 3.55 -5.32
H151 T6A A 11 -7.09 5.87 -3.68
H152 T6A A 11 -8.15 4.71 -4.49
H153 T6A A 11 -8.25 4.93 -2.72
N1 PSU A 13 -4.89 13.82 1.03
C2 PSU A 13 -4.51 13.11 2.11
N3 PSU A 13 -5.32 12.07 2.54
C4 PSU A 13 -6.51 11.66 1.96
C5 PSU A 13 -6.89 12.41 0.77
C6 PSU A 13 -6.14 13.47 0.36
O2 PSU A 13 -3.48 13.36 2.72
O4 PSU A 13 -7.16 10.73 2.43
C1' PSU A 13 -8.24 12.13 0.12
C2' PSU A 13 -9.32 13.04 0.71
O2' PSU A 13 -10.45 12.24 1.03
C3' PSU A 13 -9.67 14.01 -0.41
C4' PSU A 13 -9.33 13.21 -1.66
O3' PSU A 13 -11.05 14.40 -0.43
O4' PSU A 13 -8.22 12.41 -1.29
C5' PSU A 13 -8.99 14.08 -2.86
O5' PSU A 13 -7.73 14.68 -2.67
P PSU A 13 -7.10 15.71 -3.75
OP1 PSU A 13 -8.22 16.47 -4.35
OP2 PSU A 13 -6.00 16.43 -3.08
HN1 PSU A 13 -4.37 14.58 0.65
HN3 PSU A 13 -5.02 11.56 3.35
H6 PSU A 13 -6.47 14.07 -0.46
H1' PSU A 13 -8.52 11.08 0.25
H2' PSU A 13 -8.93 13.56 1.59
HO2' PSU A 13 -10.19 11.59 1.71
H3' PSU A 13 -9.01 14.89 -0.38
H4' PSU A 13 -10.17 12.54 -1.89
H5' PSU A 13 -8.97 13.44 -3.76
H5'' PSU A 13 -9.76 14.84 -2.98
N1 U8U A 8 6.11 -0.59 0.33
C2 U8U A 8 6.59 -0.55 -0.91
S2 U8U A 8 8.34 -0.20 -1.24
N3 U8U A 8 5.74 -0.77 -1.97
C4 U8U A 8 4.39 -1.06 -1.90
O4 U8U A 8 3.74 -1.27 -2.92
C5 U8U A 8 3.87 -1.09 -0.54
C6 U8U A 8 4.68 -0.84 0.51
C U8U A 8 2.41 -1.39 -0.30
N U8U A 8 1.68 -0.14 0.00
CA U8U A 8 0.25 -0.32 0.21
C1' U8U A 8 6.94 -0.43 1.52
O2' U8U A 8 8.37 1.48 1.75
C2' U8U A 8 7.06 1.03 1.94
O3' U8U A 8 7.58 1.83 4.22
C3' U8U A 8 6.70 1.04 3.43
C4' U8U A 8 6.80 -0.43 3.82
O4' U8U A 8 6.45 -1.15 2.65
C5' U8U A 8 5.93 -0.84 5.01
O5' U8U A 8 4.56 -0.58 4.74
P U8U A 8 3.44 -0.92 5.85
OP1 U8U A 8 3.31 -2.39 5.93
OP2 U8U A 8 3.75 -0.13 7.07
HN3 U8U A 8 6.14 -0.73 -2.90
H6 U8U A 8 4.24 -0.83 1.50
HC1 U8U A 8 1.97 -1.85 -1.19
HC2 U8U A 8 2.30 -2.08 0.53
HN1 U8U A 8 1.82 0.51 -0.76
HA1 U8U A 8 -0.22 -0.71 -0.71
HA2 U8U A 8 0.06 -1.02 1.02
HA3 U8U A 8 -0.21 0.64 0.45
H1' U8U A 8 7.95 -0.82 1.33
HO2' U8U A 8 8.98 0.91 2.25
H2' U8U A 8 6.34 1.64 1.39
H3' U8U A 8 5.65 1.37 3.55
H4' U8U A 8 7.85 -0.66 4.05
H5' U8U A 8 6.07 -1.90 5.20
H5'' U8U A 8 6.24 -0.27 5.89
HN2 U8U A 8 2.08 0.27 0.84
P T6A A 11 3.09 12.46 -2.19
OP1 T6A A 11 3.49 13.89 -2.28
OP2 T6A A 11 2.59 11.93 -0.91
O5' T6A A 11 1.98 12.18 -3.32
C5' T6A A 11 2.02 12.85 -4.57
C4' T6A A 11 0.89 12.33 -5.44
O4' T6A A 11 0.84 10.90 -5.40
C3' T6A A 11 -0.49 12.79 -5.00
O3' T6A A 11 -0.78 14.09 -5.50
C2' T6A A 11 -1.38 11.70 -5.57
O2' T6A A 11 -1.76 12.02 -6.90
C1' T6A A 11 -0.50 10.46 -5.60
N9 T6A A 11 -0.90 9.54 -4.55
C8 T6A A 11 -0.45 9.55 -3.27
N7 T6A A 11 -1.08 8.66 -2.54
C5 T6A A 11 -1.99 8.07 -3.41
C6 T6A A 11 -2.97 7.08 -3.25
N6 T6A A 11 -3.17 6.46 -1.95
N1 T6A A 11 -3.70 6.77 -4.33
C2 T6A A 11 -3.54 7.34 -5.54
N3 T6A A 11 -2.63 8.30 -5.76
C4 T6A A 11 -1.90 8.62 -4.66
C10 T6A A 11 -4.12 5.49 -1.67
O10 T6A A 11 -4.19 5.04 -0.52
N11 T6A A 11 -5.00 5.02 -2.63
C12 T6A A 11 -5.96 4.01 -2.23
C13 T6A A 11 -5.23 2.74 -1.82
ODA T6A A 11 -4.18 2.46 -2.43
ODB T6A A 11 -5.75 2.06 -0.89
C14 T6A A 11 -6.90 3.73 -3.41
O14 T6A A 11 -6.15 3.69 -4.60
C15 T6A A 11 -7.97 4.82 -3.55
H5' T6A A 11 2.97 12.66 -5.06
H5'' T6A A 11 1.90 13.93 -4.41
H4' T6A A 11 1.04 12.64 -6.49
H3' T6A A 11 -0.52 12.78 -3.89
H2' T6A A 11 -2.26 11.51 -4.95
HO2' T6A A 11 -0.95 12.17 -7.43
H1' T6A A 11 -0.56 9.97 -6.58
H8 T6A A 11 0.32 10.20 -2.89
HN6 T6A A 11 -2.57 6.76 -1.20
H2 T6A A 11 -4.17 7.02 -6.36
HN1 T6A A 11 -4.92 5.39 -3.56
H12 T6A A 11 -6.53 4.40 -1.39
H14 T6A A 11 -7.37 2.76 -3.28
HO4 T6A A 11 -5.73 4.55 -4.72
H151 T6A A 11 -8.65 4.80 -2.68
H152 T6A A 11 -7.50 5.80 -3.62
H153 T6A A 11 -8.56 4.64 -4.45
N1 PSU A 13 -5.45 13.33 0.91
C2 PSU A 13 -5.06 12.65 2.00
N3 PSU A 13 -5.89 11.66 2.51
C4 PSU A 13 -7.11 11.28 1.97
C5 PSU A 13 -7.48 11.98 0.77
C6 PSU A 13 -6.72 13.00 0.30
O2 PSU A 13 -4.00 12.90 2.57
O4 PSU A 13 -7.77 10.38 2.50
C1' PSU A 13 -8.86 11.73 0.16
C2' PSU A 13 -9.91 12.67 0.76
O2' PSU A 13 -11.05 11.93 1.14
C3' PSU A 13 -10.25 13.63 -0.38
C4' PSU A 13 -9.98 12.77 -1.60
O3' PSU A 13 -11.62 14.06 -0.37
O4' PSU A 13 -8.88 11.94 -1.24
C5' PSU A 13 -9.65 13.58 -2.85
O5' PSU A 13 -8.42 14.25 -2.67
P PSU A 13 -7.83 15.24 -3.80
OP1 PSU A 13 -8.96 15.97 -4.42
OP2 PSU A 13 -6.71 15.99 -3.18
HN1 PSU A 13 -4.91 14.07 0.48
HN3 PSU A 13 -5.58 11.18 3.34
H6 PSU A 13 -7.05 13.57 -0.55
H1' PSU A 13 -9.17 10.68 0.35
H2' PSU A 13 -9.49 13.21 1.62
HO2' PSU A 13 -11.39 11.46 0.35
H3' PSU A 13 -9.55 14.48 -0.39
H4' PSU A 13 -10.85 12.13 -1.78
H5' PSU A 13 -9.61 12.92 -3.71
H5'' PSU A 13 -10.45 14.32 -3.01
N1 U8U A 8 5.82 -0.55 0.11
C2 U8U A 8 6.26 -0.55 -1.14
S2 U8U A 8 8.01 -0.33 -1.54
N3 U8U A 8 5.36 -0.74 -2.18
C4 U8U A 8 3.99 -0.93 -2.05
O4 U8U A 8 3.30 -1.09 -3.05
C5 U8U A 8 3.53 -0.90 -0.68
C6 U8U A 8 4.39 -0.70 0.35
C U8U A 8 2.05 -1.09 -0.39
N U8U A 8 1.45 0.21 -0.07
CA U8U A 8 -0.01 0.15 0.16
C1' U8U A 8 6.70 -0.42 1.27
O2' U8U A 8 8.20 1.44 1.50
C2' U8U A 8 6.86 1.04 1.70
O3' U8U A 8 7.40 1.85 3.98
C3' U8U A 8 6.51 1.05 3.19
C4' U8U A 8 6.63 -0.42 3.57
O4' U8U A 8 6.23 -1.12 2.42
C5' U8U A 8 5.82 -0.84 4.80
O5' U8U A 8 4.45 -0.56 4.62
P U8U A 8 3.40 -0.89 5.79
OP1 U8U A 8 3.29 -2.36 5.91
OP2 U8U A 8 3.78 -0.10 6.99
HN3 U8U A 8 5.73 -0.73 -3.12
H6 U8U A 8 4.00 -0.65 1.34
HC1 U8U A 8 1.55 -1.52 -1.26
HC2 U8U A 8 1.93 -1.76 0.45
HN1 U8U A 8 1.61 0.85 -0.84
HA1 U8U A 8 -0.38 1.13 0.43
HA2 U8U A 8 -0.52 -0.18 -0.75
HA3 U8U A 8 -0.23 -0.56 0.97
H1' U8U A 8 7.69 -0.83 1.04
HO2' U8U A 8 8.80 0.84 2.00
H2' U8U A 8 6.18 1.68 1.14
H3' U8U A 8 5.47 1.36 3.32
H4' U8U A 8 7.69 -0.65 3.74
H5' U8U A 8 5.96 -1.90 4.97
H5'' U8U A 8 6.19 -0.29 5.67
HN2 U8U A 8 1.88 0.57 0.76
P T6A A 11 3.29 12.62 -2.25
OP1 T6A A 11 3.74 14.02 -2.35
OP2 T6A A 11 2.79 12.11 -0.95
O5' T6A A 11 2.13 12.38 -3.35
C5' T6A A 11 2.15 13.07 -4.57
C4' T6A A 11 1.02 12.57 -5.45
O4' T6A A 11 0.96 11.15 -5.43
C3' T6A A 11 -0.36 13.04 -5.00
O3' T6A A 11 -0.65 14.35 -5.51
C2' T6A A 11 -1.25 11.96 -5.63
O2' T6A A 11 -1.56 12.31 -6.96
C1' T6A A 11 -0.39 10.71 -5.62
N9 T6A A 11 -0.82 9.81 -4.57
C8 T6A A 11 -0.40 9.86 -3.27
N7 T6A A 11 -1.05 8.98 -2.54
C5 T6A A 11 -1.92 8.35 -3.43
C6 T6A A 11 -2.89 7.36 -3.28
N6 T6A A 11 -3.11 6.76 -1.97
N1 T6A A 11 -3.58 7.00 -4.37
C2 T6A A 11 -3.40 7.55 -5.59
N3 T6A A 11 -2.48 8.52 -5.80
C4 T6A A 11 -1.80 8.87 -4.70
C10 T6A A 11 -4.06 5.78 -1.69
O10 T6A A 11 -4.15 5.35 -0.54
N11 T6A A 11 -4.89 5.27 -2.67
C12 T6A A 11 -5.86 4.26 -2.28
C13 T6A A 11 -5.12 3.00 -1.82
ODA T6A A 11 -5.03 2.82 -0.59
ODB T6A A 11 -4.65 2.26 -2.72
C14 T6A A 11 -6.76 3.94 -3.47
O14 T6A A 11 -5.97 3.90 -4.64
C15 T6A A 11 -7.85 5.00 -3.64
H5' T6A A 11 3.09 12.89 -5.09
H5'' T6A A 11 2.04 14.15 -4.41
H4' T6A A 11 1.17 12.88 -6.49
H3' T6A A 11 -0.41 13.00 -3.91
H2' T6A A 11 -2.15 11.78 -5.04
HO2' T6A A 11 -1.82 13.24 -6.99
H1' T6A A 11 -0.45 10.21 -6.60
H8 T6A A 11 0.35 10.53 -2.88
HN6 T6A A 11 -2.54 7.08 -1.20
H2 T6A A 11 -3.99 7.20 -6.41
HN1 T6A A 11 -4.80 5.63 -3.61
H12 T6A A 11 -6.45 4.65 -1.46
H14 T6A A 11 -7.21 2.96 -3.33
HO4 T6A A 11 -6.54 3.68 -5.38
H151 T6A A 11 -7.39 5.99 -3.71
H152 T6A A 11 -8.40 4.80 -4.57
H153 T6A A 11 -8.55 4.98 -2.80
N1 PSU A 13 -5.28 13.46 0.96
C2 PSU A 13 -4.90 12.76 2.04
N3 PSU A 13 -5.73 11.76 2.51
C4 PSU A 13 -6.95 11.39 1.97
C5 PSU A 13 -7.33 12.12 0.79
C6 PSU A 13 -6.56 13.15 0.33
O2 PSU A 13 -3.84 12.99 2.61
O4 PSU A 13 -7.61 10.48 2.48
C1' PSU A 13 -8.71 11.89 0.18
C2' PSU A 13 -9.75 12.82 0.79
O2' PSU A 13 -10.89 12.08 1.15
C3' PSU A 13 -10.10 13.80 -0.33
C4' PSU A 13 -9.82 12.98 -1.57
O3' PSU A 13 -11.46 14.24 -0.30
O4' PSU A 13 -8.73 12.14 -1.23
C5' PSU A 13 -9.50 13.82 -2.80
O5' PSU A 13 -8.26 14.46 -2.62
P PSU A 13 -7.67 15.48 -3.70
OP1 PSU A 13 -8.79 16.23 -4.29
OP2 PSU A 13 -6.55 16.21 -3.07
HN1 PSU A 13 -4.75 14.20 0.54
HN3 PSU A 13 -5.42 11.26 3.32
H6 PSU A 13 -6.89 13.74 -0.49
H1' PSU A 13 -9.02 10.85 0.33
H2' PSU A 13 -9.32 13.33 1.66
HO2' PSU A 13 -10.65 11.41 1.83
H3' PSU A 13 -9.40 14.65 -0.32
H4' PSU A 13 -10.70 12.33 -1.77
H5' PSU A 13 -9.47 13.18 -3.67
H5'' PSU A 13 -10.28 14.57 -2.93
N1 U8U A 8 5.77 -0.70 0.14
C2 U8U A 8 6.22 -0.70 -1.12
S2 U8U A 8 7.97 -0.49 -1.50
N3 U8U A 8 5.33 -0.90 -2.16
C4 U8U A 8 3.96 -1.09 -2.04
O4 U8U A 8 3.27 -1.27 -3.04
C5 U8U A 8 3.48 -1.05 -0.67
C6 U8U A 8 4.33 -0.84 0.36
C U8U A 8 2.00 -1.25 -0.39
N U8U A 8 1.39 0.05 -0.08
CA U8U A 8 -0.06 -0.02 0.16
C1' U8U A 8 6.64 -0.57 1.30
O2' U8U A 8 8.17 1.27 1.50
C2' U8U A 8 6.82 0.90 1.71
O3' U8U A 8 7.39 1.72 3.98
C3' U8U A 8 6.47 0.94 3.20
C4' U8U A 8 6.56 -0.53 3.61
O4' U8U A 8 6.15 -1.25 2.46
C5' U8U A 8 5.73 -0.92 4.83
O5' U8U A 8 4.36 -0.61 4.63
P U8U A 8 3.28 -0.91 5.79
OP1 U8U A 8 3.14 -2.37 5.90
OP2 U8U A 8 3.66 -0.11 6.98
HN3 U8U A 8 5.71 -0.90 -3.09
H6 U8U A 8 3.92 -0.78 1.35
HC1 U8U A 8 1.51 -1.69 -1.26
HC2 U8U A 8 1.88 -1.92 0.45
HN1 U8U A 8 1.55 0.69 -0.85
HA1 U8U A 8 -0.57 -0.36 -0.74
HA2 U8U A 8 -0.27 -0.71 0.97
HA3 U8U A 8 -0.43 0.98 0.41
H1' U8U A 8 7.62 -0.99 1.09
HO2' U8U A 8 8.38 1.21 0.55
H2' U8U A 8 6.13 1.54 1.14
H3' U8U A 8 5.44 1.28 3.32
H4' U8U A 8 7.61 -0.78 3.79
H5' U8U A 8 5.84 -1.98 5.01
H5'' U8U A 8 6.09 -0.36 5.69
HN2 U8U A 8 1.84 0.43 0.75
P T6A A 11 3.42 12.44 -2.48
OP1 T6A A 11 3.87 13.83 -2.61
OP2 T6A A 11 2.95 11.94 -1.16
O5' T6A A 11 2.22 12.19 -3.54
C5' T6A A 11 2.18 12.92 -4.75
C4' T6A A 11 0.99 12.43 -5.57
O4' T6A A 11 0.93 11.01 -5.56
C3' T6A A 11 -0.36 12.90 -5.04
O3' T6A A 11 -0.66 14.22 -5.52
C2' T6A A 11 -1.30 11.83 -5.58
O2' T6A A 11 -1.75 12.19 -6.87
C1' T6A A 11 -0.43 10.58 -5.69
N9 T6A A 11 -0.79 9.64 -4.64
C8 T6A A 11 -0.29 9.63 -3.37
N7 T6A A 11 -0.88 8.73 -2.64
C5 T6A A 11 -1.81 8.15 -3.49
C6 T6A A 11 -2.78 7.14 -3.31
N6 T6A A 11 -2.93 6.49 -2.01
N1 T6A A 11 -3.53 6.83 -4.37
C2 T6A A 11 -3.42 7.42 -5.57
N3 T6A A 11 -2.53 8.39 -5.81
C4 T6A A 11 -1.77 8.70 -4.74
C10 T6A A 11 -3.86 5.51 -1.71
O10 T6A A 11 -3.88 5.05 -0.57
N11 T6A A 11 -4.75 5.04 -2.65
C12 T6A A 11 -5.70 4.02 -2.25
C13 T6A A 11 -4.95 2.75 -1.86
ODA T6A A 11 -4.25 2.21 -2.74
ODB T6A A 11 -5.09 2.35 -0.68
C14 T6A A 11 -6.67 3.74 -3.40
O14 T6A A 11 -5.93 3.70 -4.60
C15 T6A A 11 -7.75 4.82 -3.50
H5' T6A A 11 3.09 12.75 -5.33
H5'' T6A A 11 2.06 13.98 -4.55
H4' T6A A 11 1.09 12.76 -6.62
H3' T6A A 11 -0.32 12.88 -3.94
H2' T6A A 11 -2.13 11.63 -4.89
HO2' T6A A 11 -2.31 11.47 -7.22
H1' T6A A 11 -0.56 10.12 -6.68
H8 T6A A 11 0.49 10.29 -3.02
HN6 T6A A 11 -2.30 6.79 -1.27
H2 T6A A 11 -4.08 7.10 -6.38
HN1 T6A A 11 -4.70 5.43 -3.58
H12 T6A A 11 -6.25 4.39 -1.39
H14 T6A A 11 -7.12 2.76 -3.26
HO4 T6A A 11 -5.26 3.02 -4.54
H151 T6A A 11 -8.36 4.63 -4.39
H152 T6A A 11 -8.40 4.80 -2.63
H153 T6A A 11 -7.28 5.80 -3.60
N1 PSU A 13 -5.34 13.41 0.98
C2 PSU A 13 -4.95 12.71 2.06
N3 PSU A 13 -5.78 11.71 2.54
C4 PSU A 13 -6.99 11.33 1.98
C5 PSU A 13 -7.37 12.07 0.80
C6 PSU A 13 -6.61 13.09 0.36
O2 PSU A 13 -3.90 12.95 2.64
O4 PSU A 13 -7.65 10.43 2.51
C1' PSU A 13 -8.75 11.81 0.20
C2' PSU A 13 -9.80 12.74 0.80
O2' PSU A 13 -10.94 11.99 1.15
C3' PSU A 13 -10.13 13.73 -0.31
C4' PSU A 13 -9.87 12.90 -1.56
O3' PSU A 13 -11.50 14.17 -0.29
O4' PSU A 13 -8.77 12.06 -1.22
C5' PSU A 13 -9.54 13.74 -2.79
O5' PSU A 13 -8.30 14.39 -2.60
P PSU A 13 -7.71 15.40 -3.70
OP1 PSU A 13 -8.83 16.15 -4.30
OP2 PSU A 13 -6.59 16.15 -3.07
HN1 PSU A 13 -4.80 14.16 0.57
HN3 PSU A 13 -5.47 11.22 3.36
H6 PSU A 13 -6.95 13.68 -0.47
H1' PSU A 13 -9.05 10.77 0.35
H2' PSU A 13 -9.38 13.26 1.68
HO2' PSU A 13 -10.70 11.33 1.83
H3' PSU A 13 -9.43 14.58 -0.30
H4' PSU A 13 -10.73 12.25 -1.75
H5' PSU A 13 -9.50 13.09 -3.66
H5'' PSU A 13 -10.33 14.49 -2.92
N1 U8U A 8 6.01 -0.36 0.15
C2 U8U A 8 6.52 -0.37 -1.09
S2 U8U A 8 8.28 -0.16 -1.41
N3 U8U A 8 5.65 -0.56 -2.17
C4 U8U A 8 4.29 -0.76 -2.10
O4 U8U A 8 3.64 -0.94 -3.12
C5 U8U A 8 3.76 -0.72 -0.75
C6 U8U A 8 4.58 -0.50 0.31
C U8U A 8 2.27 -0.90 -0.53
N U8U A 8 1.63 0.42 -0.38
CA U8U A 8 0.16 0.35 -0.23
C1' U8U A 8 6.83 -0.20 1.34
O2' U8U A 8 8.25 1.69 1.67
C2' U8U A 8 6.92 1.25 1.80
O3' U8U A 8 7.28 2.07 4.11
C3' U8U A 8 6.48 1.24 3.27
C4' U8U A 8 6.65 -0.23 3.64
O4' U8U A 8 6.33 -0.95 2.45
C5' U8U A 8 5.82 -0.70 4.83
O5' U8U A 8 4.44 -0.49 4.60
P U8U A 8 3.36 -0.89 5.72
OP1 U8U A 8 3.30 -2.37 5.79
OP2 U8U A 8 3.67 -0.13 6.95
HN3 U8U A 8 6.08 -0.58 -3.09
H6 U8U A 8 4.13 -0.44 1.30
HC1 U8U A 8 1.84 -1.42 -1.39
HC2 U8U A 8 2.09 -1.51 0.35
HN1 U8U A 8 1.84 0.97 -1.20
HA1 U8U A 8 -0.09 -0.26 0.65
HA2 U8U A 8 -0.24 1.35 -0.09
HA3 U8U A 8 -0.29 -0.09 -1.12
H1' U8U A 8 7.85 -0.57 1.16
HO2' U8U A 8 8.83 1.12 2.20
H2' U8U A 8 6.23 1.88 1.21
H3' U8U A 8 5.42 1.49 3.34
H4' U8U A 8 7.71 -0.41 3.85
H5' U8U A 8 6.00 -1.76 4.98
H5'' U8U A 8 6.13 -0.15 5.72
HN2 U8U A 8 2.01 0.87 0.43
P T6A A 11 3.39 12.86 -1.88
OP1 T6A A 11 3.84 14.27 -1.97
OP2 T6A A 11 2.89 12.34 -0.59
O5' T6A A 11 2.24 12.64 -2.98
C5' T6A A 11 2.26 13.33 -4.21
C4' T6A A 11 1.11 12.85 -5.08
O4' T6A A 11 1.05 11.42 -5.06
C3' T6A A 11 -0.25 13.33 -4.61
O3' T6A A 11 -0.55 14.63 -5.12
C2' T6A A 11 -1.17 12.24 -5.17
O2' T6A A 11 -1.59 12.58 -6.47
C1' T6A A 11 -0.30 10.99 -5.24
N9 T6A A 11 -0.69 10.06 -4.19
C8 T6A A 11 -0.31 10.11 -2.89
N7 T6A A 11 -0.92 9.20 -2.18
C5 T6A A 11 -1.74 8.54 -3.09
C6 T6A A 11 -2.66 7.49 -2.97
N6 T6A A 11 -2.88 6.88 -1.66
N1 T6A A 11 -3.30 7.11 -4.08
C2 T6A A 11 -3.11 7.67 -5.28
N3 T6A A 11 -2.26 8.69 -5.47
C4 T6A A 11 -1.61 9.07 -4.34
C10 T6A A 11 -3.78 5.85 -1.41
O10 T6A A 11 -3.89 5.41 -0.27
N11 T6A A 11 -4.57 5.30 -2.41
C12 T6A A 11 -5.49 4.24 -2.06
C13 T6A A 11 -4.71 3.03 -1.56
ODA T6A A 11 -4.99 2.61 -0.41
ODB T6A A 11 -3.86 2.54 -2.33
C14 T6A A 11 -6.34 3.87 -3.27
O14 T6A A 11 -5.50 3.85 -4.41
C15 T6A A 11 -7.47 4.89 -3.51
H5' T6A A 11 3.20 13.13 -4.72
H5'' T6A A 11 2.16 14.40 -4.05
H4' T6A A 11 1.26 13.17 -6.12
H3' T6A A 11 -0.27 13.31 -3.51
H2' T6A A 11 -2.02 12.05 -4.51
HO2' T6A A 11 -2.13 11.86 -6.84
H1' T6A A 11 -0.40 10.52 -6.23
H8 T6A A 11 0.39 10.83 -2.48
HN6 T6A A 11 -2.35 7.23 -0.88
H2 T6A A 11 -3.68 7.30 -6.13
HN1 T6A A 11 -4.46 5.67 -3.34
H12 T6A A 11 -6.14 4.61 -1.26
H14 T6A A 11 -6.76 2.88 -3.15
HO4 T6A A 11 -6.03 3.61 -5.17
H151 T6A A 11 -7.04 5.89 -3.59
H152 T6A A 11 -7.98 4.64 -4.43
H153 T6A A 11 -8.18 4.86 -2.69
N1 PSU A 13 -5.43 13.47 1.07
C2 PSU A 13 -5.08 12.73 2.13
N3 PSU A 13 -5.91 11.71 2.54
C4 PSU A 13 -7.11 11.35 1.96
C5 PSU A 13 -7.48 12.13 0.80
C6 PSU A 13 -6.70 13.18 0.41
O2 PSU A 13 -4.03 12.94 2.73
O4 PSU A 13 -7.79 10.43 2.43
C1' PSU A 13 -8.85 11.91 0.15
C2' PSU A 13 -9.89 12.82 0.78
O2' PSU A 13 -11.05 12.07 1.07
C3' PSU A 13 -10.20 13.86 -0.30
C4' PSU A 13 -9.91 13.09 -1.57
O3' PSU A 13 -11.56 14.32 -0.29
O4' PSU A 13 -8.83 12.22 -1.24
C5' PSU A 13 -9.55 13.97 -2.76
O5' PSU A 13 -8.32 14.62 -2.52
P PSU A 13 -7.71 15.68 -3.56
OP1 PSU A 13 -8.83 16.41 -4.18
OP2 PSU A 13 -6.64 16.44 -2.87
HN1 PSU A 13 -4.89 14.24 0.70
HN3 PSU A 13 -5.62 11.18 3.36
H6 PSU A 13 -7.02 13.80 -0.40
H1' PSU A 13 -9.14 10.86 0.27
H2' PSU A 13 -9.49 13.29 1.69
HO2' PSU A 13 -11.38 11.66 0.24
H3' PSU A 13 -9.48 14.70 -0.24
H4' PSU A 13 -10.78 12.46 -1.81
H5' PSU A 13 -9.47 13.35 -3.65
H5'' PSU A 13 -10.34 14.71 -2.90
N1 U8U A 8 6.27 -0.62 0.49
C2 U8U A 8 6.79 -0.60 -0.74
S2 U8U A 8 8.53 -0.20 -1.02
N3 U8U A 8 5.98 -0.91 -1.82
C4 U8U A 8 4.65 -1.25 -1.77
O4 U8U A 8 4.04 -1.52 -2.80
C5 U8U A 8 4.08 -1.24 -0.44
C6 U8U A 8 4.85 -0.92 0.64
C U8U A 8 2.62 -1.59 -0.24
N U8U A 8 1.82 -0.35 -0.14
CA U8U A 8 0.38 -0.60 0.01
C1' U8U A 8 7.05 -0.38 1.69
O2' U8U A 8 8.38 1.60 1.93
C2' U8U A 8 7.08 1.10 2.07
O3' U8U A 8 7.43 2.03 4.35
C3' U8U A 8 6.64 1.15 3.54
C4' U8U A 8 6.83 -0.30 3.99
O4' U8U A 8 6.56 -1.08 2.84
C5' U8U A 8 5.94 -0.71 5.16
O5' U8U A 8 4.58 -0.55 4.84
P U8U A 8 3.45 -0.90 5.93
OP1 U8U A 8 3.39 -2.38 6.07
OP2 U8U A 8 3.68 -0.06 7.13
HN3 U8U A 8 6.42 -0.88 -2.74
H6 U8U A 8 4.39 -0.88 1.61
HC1 U8U A 8 2.27 -2.19 -1.09
HC2 U8U A 8 2.50 -2.19 0.66
HN1 U8U A 8 1.97 0.18 -0.99
HA1 U8U A 8 0.20 -1.17 0.91
HA2 U8U A 8 -0.14 0.35 0.08
HA3 U8U A 8 0.00 -1.15 -0.85
H1' U8U A 8 8.09 -0.71 1.55
HO2' U8U A 8 8.99 1.08 2.49
H2' U8U A 8 6.37 1.67 1.46
H3' U8U A 8 5.57 1.40 3.60
H4' U8U A 8 7.88 -0.44 4.25
H5' U8U A 8 6.14 -1.77 5.39
H5'' U8U A 8 6.19 -0.10 6.02
HN2 U8U A 8 2.15 0.17 0.65
P T6A A 11 2.89 12.21 -2.63
OP1 T6A A 11 3.24 13.63 -2.88
OP2 T6A A 11 2.41 11.79 -1.29
O5' T6A A 11 1.79 11.78 -3.71
C5' T6A A 11 1.78 12.32 -5.02
C4' T6A A 11 0.62 11.72 -5.81
O4' T6A A 11 0.59 10.31 -5.63
C3' T6A A 11 -0.74 12.23 -5.38
O3' T6A A 11 -1.05 13.46 -6.02
C2' T6A A 11 -1.64 11.07 -5.82
O2' T6A A 11 -2.06 11.27 -7.15
C1' T6A A 11 -0.76 9.84 -5.75
N9 T6A A 11 -1.13 9.02 -4.60
C8 T6A A 11 -0.62 9.14 -3.35
N7 T6A A 11 -1.22 8.32 -2.52
C5 T6A A 11 -2.17 7.67 -3.31
C6 T6A A 11 -3.15 6.70 -3.02
N6 T6A A 11 -3.29 6.19 -1.66
N1 T6A A 11 -3.92 6.30 -4.04
C2 T6A A 11 -3.82 6.77 -5.29
N3 T6A A 11 -2.91 7.70 -5.63
C4 T6A A 11 -2.12 8.10 -4.60
C10 T6A A 11 -4.23 5.26 -1.26
O10 T6A A 11 -4.25 4.91 -0.08
N11 T6A A 11 -5.15 4.71 -2.14
C12 T6A A 11 -6.10 3.74 -1.62
C13 T6A A 11 -5.36 2.51 -1.13
ODA T6A A 11 -5.79 1.96 -0.10
ODB T6A A 11 -4.37 2.13 -1.81
C14 T6A A 11 -7.09 3.38 -2.73
O14 T6A A 11 -6.38 3.23 -3.93
C15 T6A A 11 -8.16 4.46 -2.90
H5' T6A A 11 2.71 12.10 -5.53
H5'' T6A A 11 1.65 13.41 -4.96
H4' T6A A 11 0.76 11.92 -6.89
H3' T6A A 11 -0.75 12.32 -4.28
H2' T6A A 11 -2.50 10.94 -5.15
HO2' T6A A 11 -1.28 11.36 -7.72
H1' T6A A 11 -0.84 9.26 -6.68
H8 T6A A 11 0.17 9.82 -3.06
HN6 T6A A 11 -2.66 6.55 -0.96
H2 T6A A 11 -4.48 6.40 -6.05
HN1 T6A A 11 -5.11 5.01 -3.10
H12 T6A A 11 -6.63 4.20 -0.78
H14 T6A A 11 -7.55 2.42 -2.50
HO4 T6A A 11 -5.72 2.55 -3.82
H151 T6A A 11 -8.78 4.20 -3.76
H152 T6A A 11 -8.79 4.51 -2.01
H153 T6A A 11 -7.69 5.42 -3.07
N1 PSU A 13 -5.38 13.59 0.58
C2 PSU A 13 -4.92 13.10 1.72
N3 PSU A 13 -5.66 12.13 2.39
C4 PSU A 13 -6.88 11.61 1.96
C5 PSU A 13 -7.35 12.16 0.71
C6 PSU A 13 -6.66 13.13 0.08
O2 PSU A 13 -3.83 13.46 2.20
O4 PSU A 13 -7.45 10.77 2.64
C1' PSU A 13 -8.75 11.76 0.22
C2' PSU A 13 -9.80 12.72 0.76
O2' PSU A 13 -10.89 11.99 1.25
C3' PSU A 13 -10.22 13.55 -0.45
C4' PSU A 13 -10.00 12.56 -1.59
O3' PSU A 13 -11.58 13.98 -0.41
O4' PSU A 13 -8.86 11.80 -1.20
C5' PSU A 13 -9.78 13.23 -2.95
O5' PSU A 13 -8.55 13.92 -2.93
P PSU A 13 -8.04 14.76 -4.20
OP1 PSU A 13 -9.22 15.39 -4.84
OP2 PSU A 13 -6.92 15.62 -3.76
HN1 PSU A 13 -4.90 14.30 0.02
HN3 PSU A 13 -5.29 11.78 3.25
H6 PSU A 13 -7.07 13.58 -0.81
H1' PSU A 13 -8.99 10.73 0.55
H2' PSU A 13 -9.35 13.36 1.55
HO2' PSU A 13 -11.25 11.42 0.54
H3' PSU A 13 -9.53 14.39 -0.60
H4' PSU A 13 -10.85 11.87 -1.63
H5' PSU A 13 -9.77 12.45 -3.72
H5'' PSU A 13 -10.60 13.92 -3.13
N1 U8U A 8 6.01 -0.40 0.20
C2 U8U A 8 6.53 -0.38 -1.03
S2 U8U A 8 8.31 -0.17 -1.30
N3 U8U A 8 5.70 -0.54 -2.12
C4 U8U A 8 4.32 -0.73 -2.09
O4 U8U A 8 3.70 -0.86 -3.13
C5 U8U A 8 3.77 -0.71 -0.76
C6 U8U A 8 4.56 -0.55 0.32
C U8U A 8 2.28 -0.90 -0.58
N U8U A 8 1.63 0.42 -0.41
CA U8U A 8 0.17 0.35 -0.28
C1' U8U A 8 6.79 -0.31 1.41
O2' U8U A 8 8.22 1.58 1.84
C2' U8U A 8 6.89 1.14 1.93
O3' U8U A 8 7.21 1.86 4.28
C3' U8U A 8 6.42 1.07 3.39
C4' U8U A 8 6.56 -0.41 3.71
O4' U8U A 8 6.27 -1.08 2.49
C5' U8U A 8 5.67 -0.91 4.85
O5' U8U A 8 4.31 -0.67 4.59
P U8U A 8 3.19 -1.07 5.68
OP1 U8U A 8 3.09 -2.56 5.68
OP2 U8U A 8 3.49 -0.36 6.94
HN3 U8U A 8 6.13 -0.52 -3.04
H6 U8U A 8 4.10 -0.51 1.30
HC1 U8U A 8 1.86 -1.39 -1.46
HC2 U8U A 8 2.07 -1.52 0.29
HN1 U8U A 8 1.86 0.99 -1.21
HA1 U8U A 8 -0.10 -0.26 0.58
HA2 U8U A 8 -0.22 1.36 -0.13
HA3 U8U A 8 -0.28 -0.08 -1.18
H1' U8U A 8 7.82 -0.67 1.25
HO2' U8U A 8 8.51 1.58 0.92
H2' U8U A 8 6.21 1.79 1.35
H3' U8U A 8 5.36 1.33 3.44
H4' U8U A 8 7.61 -0.62 3.95
H5' U8U A 8 5.84 -1.99 4.97
H5'' U8U A 8 5.97 -0.40 5.77
HN2 U8U A 8 2.02 0.85 0.42
P T6A A 11 3.37 12.83 -1.57
OP1 T6A A 11 3.81 14.24 -1.63
OP2 T6A A 11 2.85 12.27 -0.30
O5' T6A A 11 2.24 12.61 -2.70
C5' T6A A 11 2.28 13.32 -3.91
C4' T6A A 11 1.16 12.84 -4.82
O4' T6A A 11 1.12 11.41 -4.82
C3' T6A A 11 -0.22 13.28 -4.37
O3' T6A A 11 -0.52 14.59 -4.87
C2' T6A A 11 -1.11 12.19 -4.99
O2' T6A A 11 -1.49 12.55 -6.29
C1' T6A A 11 -0.22 10.96 -5.03
N9 T6A A 11 -0.63 10.01 -4.01
C8 T6A A 11 -0.26 10.03 -2.70
N7 T6A A 11 -0.87 9.12 -2.02
C5 T6A A 11 -1.70 8.48 -2.95
C6 T6A A 11 -2.64 7.44 -2.84
N6 T6A A 11 -2.86 6.80 -1.55
N1 T6A A 11 -3.28 7.10 -3.97
C2 T6A A 11 -3.08 7.68 -5.16
N3 T6A A 11 -2.22 8.69 -5.32
C4 T6A A 11 -1.57 9.03 -4.18
C10 T6A A 11 -3.78 5.78 -1.33
O10 T6A A 11 -3.90 5.33 -0.19
N11 T6A A 11 -4.58 5.26 -2.34
C12 T6A A 11 -5.52 4.21 -2.00
C13 T6A A 11 -4.75 2.98 -1.54
ODA T6A A 11 -5.41 2.11 -0.92
ODB T6A A 11 -3.54 2.92 -1.81
C14 T6A A 11 -6.37 3.90 -3.23
O14 T6A A 11 -5.53 3.88 -4.36
C15 T6A A 11 -7.48 4.93 -3.45
H5' T6A A 11 3.24 13.16 -4.41
H5'' T6A A 11 2.15 14.39 -3.73
H4' T6A A 11 1.33 13.17 -5.85
H3' T6A A 11 -0.26 13.25 -3.27
H2' T6A A 11 -1.98 12.00 -4.35
HO2' T6A A 11 -2.01 11.83 -6.69
H1' T6A A 11 -0.28 10.50 -6.03
H8 T6A A 11 0.47 10.72 -2.29
HN6 T6A A 11 -2.33 7.13 -0.76
H2 T6A A 11 -3.66 7.33 -6.01
HN1 T6A A 11 -4.46 5.65 -3.26
H12 T6A A 11 -6.15 4.57 -1.20
H14 T6A A 11 -6.80 2.90 -3.12
HO4 T6A A 11 -4.85 3.22 -4.24
H151 T6A A 11 -7.99 4.71 -4.37
H152 T6A A 11 -8.19 4.88 -2.62
H153 T6A A 11 -7.04 5.93 -3.50
N1 PSU A 13 -5.53 13.53 1.18
C2 PSU A 13 -5.20 12.82 2.27
N3 PSU A 13 -6.04 11.81 2.70
C4 PSU A 13 -7.23 11.42 2.09
C5 PSU A 13 -7.55 12.17 0.90
C6 PSU A 13 -6.77 13.20 0.50
O2 PSU A 13 -4.18 13.05 2.91
O4 PSU A 13 -7.91 10.52 2.57
C1' PSU A 13 -8.91 11.93 0.23
C2' PSU A 13 -9.98 12.85 0.81
O2' PSU A 13 -11.13 12.08 1.09
C3' PSU A 13 -10.26 13.85 -0.30
C4' PSU A 13 -9.94 13.04 -1.55
O3' PSU A 13 -11.63 14.29 -0.33
O4' PSU A 13 -8.86 12.20 -1.18
C5' PSU A 13 -9.56 13.91 -2.75
O5' PSU A 13 -8.35 14.57 -2.49
P PSU A 13 -7.72 15.62 -3.54
OP1 PSU A 13 -8.83 16.34 -4.21
OP2 PSU A 13 -6.67 16.39 -2.84
HN1 PSU A 13 -4.99 14.28 0.80
HN3 PSU A 13 -5.77 11.31 3.53
H6 PSU A 13 -7.07 13.80 -0.34
H1' PSU A 13 -9.20 10.87 0.35
H2' PSU A 13 -9.60 13.34 1.71
HO2' PSU A 13 -10.92 11.41 1.76
H3' PSU A 13 -9.57 14.70 -0.25
H4' PSU A 13 -10.79 12.41 -1.79
H5' PSU A 13 -9.46 13.27 -3.62
H5'' PSU A 13 -10.35 14.64 -2.92
N1 U8U A 8 5.41 -1.00 -0.05
C2 U8U A 8 5.82 -1.05 -1.33
S2 U8U A 8 7.57 -0.94 -1.77
N3 U8U A 8 4.87 -1.18 -2.34
C4 U8U A 8 3.50 -1.28 -2.17
O4 U8U A 8 2.78 -1.42 -3.15
C5 U8U A 8 3.08 -1.21 -0.79
C6 U8U A 8 3.97 -1.05 0.21
C U8U A 8 1.60 -1.30 -0.47
N U8U A 8 1.05 0.06 -0.26
CA U8U A 8 -0.40 0.08 -0.01
C1' U8U A 8 6.32 -0.93 1.08
O2' U8U A 8 7.94 0.83 1.27
C2' U8U A 8 6.58 0.52 1.51
O3' U8U A 8 7.21 1.29 3.77
C3' U8U A 8 6.26 0.55 3.00
C4' U8U A 8 6.30 -0.92 3.39
O4' U8U A 8 5.83 -1.61 2.23
C5' U8U A 8 5.48 -1.29 4.62
O5' U8U A 8 4.13 -0.93 4.46
P U8U A 8 3.08 -1.20 5.65
OP1 U8U A 8 2.86 -2.66 5.74
OP2 U8U A 8 3.53 -0.45 6.85
HN3 U8U A 8 5.22 -1.21 -3.29
H6 U8U A 8 3.61 -0.95 1.22
HC1 U8U A 8 1.07 -1.78 -1.30
HC2 U8U A 8 1.44 -1.90 0.43
HN1 U8U A 8 1.24 0.61 -1.09
HA1 U8U A 8 -0.63 -0.53 0.87
HA2 U8U A 8 -0.72 1.10 0.17
HA3 U8U A 8 -0.94 -0.32 -0.87
H1' U8U A 8 7.28 -1.40 0.83
HO2' U8U A 8 8.50 0.21 1.77
H2' U8U A 8 5.92 1.20 0.96
H3' U8U A 8 5.24 0.92 3.15
H4' U8U A 8 7.35 -1.22 3.53
H5' U8U A 8 5.56 -2.37 4.79
H5'' U8U A 8 5.89 -0.77 5.48
HN2 U8U A 8 1.52 0.47 0.52
P T6A A 11 3.64 12.21 -2.47
OP1 T6A A 11 4.16 13.59 -2.61
OP2 T6A A 11 3.16 11.75 -1.15
O5' T6A A 11 2.45 12.02 -3.53
C5' T6A A 11 2.40 12.78 -4.72
C4' T6A A 11 1.23 12.30 -5.58
O4' T6A A 11 1.15 10.87 -5.56
C3' T6A A 11 -0.13 12.79 -5.11
O3' T6A A 11 -0.39 14.10 -5.60
C2' T6A A 11 -1.04 11.73 -5.72
O2' T6A A 11 -1.36 12.09 -7.04
C1' T6A A 11 -0.20 10.46 -5.73
N9 T6A A 11 -0.63 9.57 -4.67
C8 T6A A 11 -0.19 9.60 -3.38
N7 T6A A 11 -0.84 8.74 -2.64
C5 T6A A 11 -1.74 8.14 -3.52
C6 T6A A 11 -2.73 7.16 -3.35
N6 T6A A 11 -2.95 6.57 -2.04
N1 T6A A 11 -3.46 6.82 -4.43
C2 T6A A 11 -3.27 7.38 -5.65
N3 T6A A 11 -2.35 8.32 -5.87
C4 T6A A 11 -1.63 8.65 -4.78
C10 T6A A 11 -3.91 5.61 -1.75
O10 T6A A 11 -3.99 5.18 -0.59
N11 T6A A 11 -4.78 5.13 -2.71
C12 T6A A 11 -5.76 4.13 -2.31
C13 T6A A 11 -5.06 2.86 -1.86
ODA T6A A 11 -5.70 2.08 -1.14
ODB T6A A 11 -3.87 2.71 -2.25
C14 T6A A 11 -6.69 3.85 -3.48
O14 T6A A 11 -5.92 3.79 -4.66
C15 T6A A 11 -7.76 4.94 -3.64
H5' T6A A 11 3.33 12.65 -5.28
H5'' T6A A 11 2.27 13.84 -4.50
H4' T6A A 11 1.38 12.61 -6.62
H3' T6A A 11 -0.15 12.75 -4.00
H2' T6A A 11 -1.94 11.56 -5.11
HO2' T6A A 11 -1.59 13.03 -7.08
H1' T6A A 11 -0.29 9.96 -6.71
H8 T6A A 11 0.59 10.25 -3.01
HN6 T6A A 11 -2.36 6.87 -1.28
H2 T6A A 11 -3.89 7.05 -6.47
HN1 T6A A 11 -4.69 5.49 -3.65
H12 T6A A 11 -6.33 4.54 -1.47
H14 T6A A 11 -7.17 2.88 -3.34
HO4 T6A A 11 -6.51 3.59 -5.40
H151 T6A A 11 -8.44 4.93 -2.78
H152 T6A A 11 -7.28 5.91 -3.71
H153 T6A A 11 -8.33 4.75 -4.54
N1 PSU A 13 -5.03 13.52 0.90
C2 PSU A 13 -4.64 12.86 2.00
N3 PSU A 13 -5.46 11.86 2.49
C4 PSU A 13 -6.67 11.45 1.96
C5 PSU A 13 -7.06 12.16 0.76
C6 PSU A 13 -6.30 13.18 0.28
O2 PSU A 13 -3.59 13.12 2.57
O4 PSU A 13 -7.33 10.57 2.49
C1' PSU A 13 -8.44 11.89 0.15
C2' PSU A 13 -9.48 12.82 0.75
O2' PSU A 13 -10.61 12.06 1.14
C3' PSU A 13 -9.85 13.77 -0.39
C4' PSU A 13 -9.57 12.91 -1.62
O3' PSU A 13 -11.22 14.18 -0.37
O4' PSU A 13 -8.45 12.11 -1.26
C5' PSU A 13 -9.25 13.74 -2.87
O5' PSU A 13 -8.01 14.38 -2.70
P PSU A 13 -7.41 15.37 -3.82
OP1 PSU A 13 -8.54 16.12 -4.41
OP2 PSU A 13 -6.28 16.12 -3.21
HN1 PSU A 13 -4.50 14.27 0.47
HN3 PSU A 13 -5.14 11.39 3.33
H6 PSU A 13 -6.63 13.75 -0.57
H1' PSU A 13 -8.73 10.84 0.34
H2' PSU A 13 -9.06 13.37 1.60
HO2' PSU A 13 -10.35 11.43 1.82
H3' PSU A 13 -9.17 14.63 -0.41
H4' PSU A 13 -10.43 12.26 -1.80
H5' PSU A 13 -9.23 13.08 -3.72
H5'' PSU A 13 -10.04 14.48 -3.00
N1 U8U A 8 5.87 -0.85 0.11
C2 U8U A 8 6.34 -0.88 -1.15
S2 U8U A 8 8.11 -0.76 -1.49
N3 U8U A 8 5.46 -1.04 -2.20
C4 U8U A 8 4.09 -1.17 -2.11
O4 U8U A 8 3.41 -1.33 -3.13
C5 U8U A 8 3.59 -1.10 -0.76
C6 U8U A 8 4.42 -0.92 0.29
C U8U A 8 2.08 -1.21 -0.51
N U8U A 8 1.52 0.13 -0.32
CA U8U A 8 0.05 0.13 -0.15
C1' U8U A 8 6.71 -0.76 1.29
O2' U8U A 8 8.30 1.02 1.55
C2' U8U A 8 6.94 0.70 1.71
O3' U8U A 8 7.46 1.49 4.00
C3' U8U A 8 6.55 0.74 3.18
C4' U8U A 8 6.58 -0.72 3.59
O4' U8U A 8 6.17 -1.43 2.42
C5' U8U A 8 5.70 -1.09 4.78
O5' U8U A 8 4.35 -0.74 4.55
P U8U A 8 3.25 -0.99 5.69
OP1 U8U A 8 3.02 -2.44 5.79
OP2 U8U A 8 3.62 -0.22 6.88
HN3 U8U A 8 5.86 -1.07 -3.12
H6 U8U A 8 4.00 -0.83 1.28
HC1 U8U A 8 1.62 -1.69 -1.36
HC2 U8U A 8 1.90 -1.83 0.37
HN1 U8U A 8 1.74 0.69 -1.13
HA1 U8U A 8 -0.29 1.15 0.02
HA2 U8U A 8 -0.43 -0.27 -1.04
HA3 U8U A 8 -0.21 -0.48 0.71
H1' U8U A 8 7.69 -1.22 1.09
HO2' U8U A 8 8.54 0.94 0.61
H2' U8U A 8 6.30 1.37 1.13
H3' U8U A 8 5.52 1.11 3.27
H4' U8U A 8 7.61 -1.01 3.79
H5' U8U A 8 5.77 -2.16 4.96
H5'' U8U A 8 6.06 -0.54 5.66
HN2 U8U A 8 1.94 0.55 0.49
P T6A A 11 3.56 12.32 -1.86
OP1 T6A A 11 4.05 13.72 -1.88
OP2 T6A A 11 3.04 11.74 -0.59
O5' T6A A 11 2.41 12.18 -2.98
C5' T6A A 11 2.47 12.93 -4.17
C4' T6A A 11 1.31 12.51 -5.07
O4' T6A A 11 1.18 11.09 -5.09
C3' T6A A 11 -0.04 13.03 -4.61
O3' T6A A 11 -0.26 14.37 -5.08
C2' T6A A 11 -1.00 12.02 -5.23
O2' T6A A 11 -1.36 12.41 -6.53
C1' T6A A 11 -0.19 10.72 -5.30
N9 T6A A 11 -0.64 9.79 -4.29
C8 T6A A 11 -0.24 9.76 -2.99
N7 T6A A 11 -0.91 8.87 -2.30
C5 T6A A 11 -1.80 8.32 -3.23
C6 T6A A 11 -2.81 7.35 -3.13
N6 T6A A 11 -3.07 6.70 -1.84
N1 T6A A 11 -3.50 7.07 -4.25
C2 T6A A 11 -3.28 7.67 -5.44
N3 T6A A 11 -2.34 8.61 -5.60
C4 T6A A 11 -1.65 8.88 -4.46
C10 T6A A 11 -4.04 5.75 -1.62
O10 T6A A 11 -4.17 5.29 -0.49
N11 T6A A 11 -4.89 5.31 -2.63
C12 T6A A 11 -5.90 4.33 -2.30
C13 T6A A 11 -5.22 3.03 -1.87
ODA T6A A 11 -5.53 2.57 -0.74
ODB T6A A 11 -4.41 2.52 -2.68
C14 T6A A 11 -6.79 4.09 -3.51
O14 T6A A 11 -5.98 4.05 -4.66
C15 T6A A 11 -7.83 5.20 -3.68
H5' T6A A 11 3.40 12.72 -4.70
H5'' T6A A 11 2.39 14.00 -3.96
H4' T6A A 11 1.48 12.86 -6.10
H3' T6A A 11 -0.08 12.98 -3.51
H2' T6A A 11 -1.88 11.85 -4.59
HO2' T6A A 11 -1.93 11.73 -6.93
H1' T6A A 11 -0.28 10.28 -6.30
H8 T6A A 11 0.53 10.39 -2.58
HN6 T6A A 11 -2.49 6.98 -1.07
H2 T6A A 11 -3.88 7.38 -6.28
HN1 T6A A 11 -4.77 5.72 -3.55
H12 T6A A 11 -6.50 4.72 -1.47
H14 T6A A 11 -7.29 3.12 -3.41
HO4 T6A A 11 -5.34 3.34 -4.56
H151 T6A A 11 -8.53 5.19 -2.84
H152 T6A A 11 -7.33 6.17 -3.72
H153 T6A A 11 -8.38 5.04 -4.60
N1 PSU A 13 -5.24 13.75 1.14
C2 PSU A 13 -4.90 13.04 2.22
N3 PSU A 13 -5.74 12.04 2.66
C4 PSU A 13 -6.93 11.65 2.06
C5 PSU A 13 -7.27 12.40 0.87
C6 PSU A 13 -6.48 13.44 0.47
O2 PSU A 13 -3.87 13.27 2.84
O4 PSU A 13 -7.61 10.75 2.54
C1' PSU A 13 -8.63 12.17 0.20
C2' PSU A 13 -9.69 13.10 0.78
O2' PSU A 13 -10.84 12.34 1.09
C3' PSU A 13 -9.99 14.09 -0.34
C4' PSU A 13 -9.66 13.26 -1.58
O3' PSU A 13 -11.35 14.51 -0.37
O4' PSU A 13 -8.58 12.41 -1.20
C5' PSU A 13 -9.29 14.11 -2.79
O5' PSU A 13 -8.05 14.73 -2.55
P PSU A 13 -7.40 15.75 -3.63
OP1 PSU A 13 -8.49 16.51 -4.26
OP2 PSU A 13 -6.30 16.48 -2.94
HN1 PSU A 13 -4.68 14.49 0.75
HN3 PSU A 13 -5.47 11.52 3.48
H6 PSU A 13 -6.79 14.03 -0.37
H1' PSU A 13 -8.94 11.12 0.35
H2' PSU A 13 -9.29 13.61 1.67
HO2' PSU A 13 -10.62 11.68 1.78
H3' PSU A 13 -9.30 14.93 -0.31
H4' PSU A 13 -10.52 12.62 -1.82
H5' PSU A 13 -9.23 13.47 -3.67
H5'' PSU A 13 -10.06 14.86 -2.95
N1 U8U A 8 6.24 -0.02 0.39
C2 U8U A 8 6.76 0.08 -0.83
S2 U8U A 8 8.53 0.42 -1.08
N3 U8U A 8 5.96 -0.10 -1.94
C4 U8U A 8 4.60 -0.38 -1.93
O4 U8U A 8 4.00 -0.53 -2.98
C5 U8U A 8 4.03 -0.45 -0.60
C6 U8U A 8 4.80 -0.26 0.49
C U8U A 8 2.55 -0.74 -0.46
N U8U A 8 1.82 0.53 -0.26
CA U8U A 8 0.36 0.37 -0.16
C1' U8U A 8 7.01 0.09 1.62
O2' U8U A 8 8.39 2.00 2.09
C2' U8U A 8 7.06 1.54 2.13
O3' U8U A 8 7.33 2.28 4.47
C3' U8U A 8 6.57 1.45 3.58
C4' U8U A 8 6.76 -0.02 3.91
O4' U8U A 8 6.50 -0.69 2.68
C5' U8U A 8 5.90 -0.55 5.04
O5' U8U A 8 4.54 -0.36 4.79
P U8U A 8 3.44 -0.82 5.87
OP1 U8U A 8 3.43 -2.30 5.91
OP2 U8U A 8 3.67 -0.05 7.12
HN3 U8U A 8 6.40 -0.03 -2.85
H6 U8U A 8 4.33 -0.27 1.46
HC1 U8U A 8 2.18 -1.23 -1.34
HC2 U8U A 8 2.38 -1.39 0.40
HN1 U8U A 8 2.02 1.15 -1.04
HA1 U8U A 8 0.12 -0.29 0.68
HA2 U8U A 8 -0.10 1.35 0.01
HA3 U8U A 8 -0.03 -0.06 -1.08
H1' U8U A 8 8.04 -0.24 1.44
HO2' U8U A 8 8.48 2.72 2.74
H2' U8U A 8 6.39 2.18 1.54
H3' U8U A 8 5.50 1.68 3.63
H4' U8U A 8 7.83 -0.19 4.14
H5' U8U A 8 6.11 -1.61 5.17
H5'' U8U A 8 6.18 -0.03 5.96
HN2 U8U A 8 2.16 0.97 0.59
P T6A A 11 3.13 13.15 -1.42
OP1 T6A A 11 3.53 14.57 -1.47
OP2 T6A A 11 2.60 12.57 -0.17
O5' T6A A 11 2.03 12.90 -2.58
C5' T6A A 11 2.08 13.62 -3.80
C4' T6A A 11 1.00 13.11 -4.73
O4' T6A A 11 0.99 11.68 -4.73
C3' T6A A 11 -0.41 13.52 -4.33
O3' T6A A 11 -0.72 14.83 -4.82
C2' T6A A 11 -1.25 12.42 -4.97
O2' T6A A 11 -1.59 12.78 -6.29
C1' T6A A 11 -0.34 11.21 -4.99
N9 T6A A 11 -0.76 10.25 -3.98
C8 T6A A 11 -0.43 10.29 -2.65
N7 T6A A 11 -1.05 9.36 -1.98
C5 T6A A 11 -1.83 8.70 -2.93
C6 T6A A 11 -2.74 7.64 -2.86
N6 T6A A 11 -3.00 6.99 -1.58
N1 T6A A 11 -3.34 7.27 -4.01
C2 T6A A 11 -3.12 7.86 -5.19
N3 T6A A 11 -2.26 8.88 -5.33
C4 T6A A 11 -1.66 9.24 -4.18
C10 T6A A 11 -3.90 5.96 -1.38
O10 T6A A 11 -4.04 5.50 -0.25
N11 T6A A 11 -4.64 5.42 -2.41
C12 T6A A 11 -5.56 4.34 -2.11
C13 T6A A 11 -4.78 3.13 -1.62
ODA T6A A 11 -3.57 3.08 -1.91
ODB T6A A 11 -5.42 2.28 -0.96
C14 T6A A 11 -6.37 4.00 -3.36
O14 T6A A 11 -5.50 4.01 -4.47
C15 T6A A 11 -7.50 4.99 -3.60
H5' T6A A 11 3.05 13.48 -4.27
H5'' T6A A 11 1.93 14.69 -3.61
H4' T6A A 11 1.19 13.44 -5.75
H3' T6A A 11 -0.48 13.48 -3.23
H2' T6A A 11 -2.14 12.19 -4.37
HO2' T6A A 11 -2.08 12.04 -6.70
H1' T6A A 11 -0.36 10.74 -5.98
H8 T6A A 11 0.26 11.00 -2.22
HN6 T6A A 11 -2.50 7.34 -0.77
H2 T6A A 11 -3.65 7.49 -6.06
HN1 T6A A 11 -4.51 5.80 -3.33
H12 T6A A 11 -6.24 4.69 -1.32
H14 T6A A 11 -6.77 2.99 -3.27
HO4 T6A A 11 -5.99 3.78 -5.25
H151 T6A A 11 -7.09 6.01 -3.63
H152 T6A A 11 -7.98 4.77 -4.56
H153 T6A A 11 -8.24 4.93 -2.81
N1 PSU A 13 -5.65 13.37 1.18
C2 PSU A 13 -5.31 12.64 2.24
N3 PSU A 13 -6.15 11.63 2.65
C4 PSU A 13 -7.35 11.27 2.04
C5 PSU A 13 -7.68 12.06 0.88
C6 PSU A 13 -6.90 13.09 0.49
O2 PSU A 13 -4.27 12.85 2.86
O4 PSU A 13 -8.03 10.36 2.50
C1' PSU A 13 -9.04 11.83 0.20
C2' PSU A 13 -10.10 12.74 0.83
O2' PSU A 13 -11.26 11.97 1.11
C3' PSU A 13 -10.41 13.78 -0.26
C4' PSU A 13 -10.09 13.01 -1.52
O3' PSU A 13 -11.78 14.20 -0.26
O4' PSU A 13 -9.01 12.14 -1.18
C5' PSU A 13 -9.72 13.90 -2.70
O5' PSU A 13 -8.51 14.57 -2.43
P PSU A 13 -7.89 15.67 -3.44
OP1 PSU A 13 -9.02 16.39 -4.08
OP2 PSU A 13 -6.85 16.43 -2.71
HN1 PSU A 13 -5.10 14.14 0.81
HN3 PSU A 13 -5.88 11.10 3.45
H6 PSU A 13 -7.20 13.72 -0.33
H1' PSU A 13 -9.35 10.79 0.32
H2' PSU A 13 -9.71 13.21 1.73
HO2' PSU A 13 -11.58 11.56 0.29
H3' PSU A 13 -9.73 14.63 -0.18
H4' PSU A 13 -10.95 12.38 -1.78
H5' PSU A 13 -9.61 13.29 -3.60
H5'' PSU A 13 -10.52 14.63 -2.86
N1 U8U A 8 6.49 0.09 0.32
C2 U8U A 8 7.04 0.27 -0.87
S2 U8U A 8 8.76 0.79 -1.06
N3 U8U A 8 6.28 0.07 -2.01
C4 U8U A 8 4.96 -0.36 -2.04
O4 U8U A 8 4.39 -0.55 -3.12
C5 U8U A 8 4.36 -0.52 -0.74
C6 U8U A 8 5.08 -0.28 0.39
C U8U A 8 2.91 -0.96 -0.61
N U8U A 8 2.07 0.19 -0.26
CA U8U A 8 0.65 -0.13 -0.14
C1' U8U A 8 7.23 0.22 1.57
O2' U8U A 8 8.55 2.19 2.00
C2' U8U A 8 7.25 1.65 2.10
O3' U8U A 8 7.64 2.30 4.45
C3' U8U A 8 6.82 1.53 3.56
C4' U8U A 8 6.97 0.04 3.86
O4' U8U A 8 6.72 -0.60 2.62
C5' U8U A 8 6.05 -0.49 4.96
O5' U8U A 8 4.70 -0.28 4.62
P U8U A 8 3.53 -0.73 5.63
OP1 U8U A 8 3.47 -2.21 5.62
OP2 U8U A 8 3.73 -0.02 6.91
HN3 U8U A 8 6.72 0.21 -2.90
H6 U8U A 8 4.59 -0.37 1.35
HC1 U8U A 8 2.57 -1.38 -1.55
HC2 U8U A 8 2.83 -1.73 0.16
HN1 U8U A 8 2.19 0.90 -0.97
HA1 U8U A 8 0.49 -0.89 0.63
HA2 U8U A 8 0.10 0.77 0.14
HA3 U8U A 8 0.27 -0.50 -1.09
H1' U8U A 8 8.28 -0.10 1.42
HO2' U8U A 8 9.16 1.63 2.49
H2' U8U A 8 6.52 2.26 1.55
H3' U8U A 8 5.76 1.81 3.66
H4' U8U A 8 8.01 -0.15 4.13
H5' U8U A 8 6.23 -1.56 5.07
H5'' U8U A 8 6.28 0.03 5.89
HN2 U8U A 8 2.40 0.57 0.62
P T6A A 11 2.81 13.25 -1.37
OP1 T6A A 11 3.07 14.72 -1.38
OP2 T6A A 11 2.28 12.62 -0.14
O5' T6A A 11 1.79 12.92 -2.57
C5' T6A A 11 1.80 13.66 -3.77
C4' T6A A 11 0.74 13.12 -4.72
O4' T6A A 11 0.79 11.69 -4.77
C3' T6A A 11 -0.69 13.44 -4.30
O3' T6A A 11 -1.06 14.76 -4.72
C2' T6A A 11 -1.47 12.33 -5.00
O2' T6A A 11 -1.80 12.72 -6.31
C1' T6A A 11 -0.50 11.16 -5.05
N9 T6A A 11 -0.87 10.16 -4.06
C8 T6A A 11 -0.45 10.11 -2.77
N7 T6A A 11 -1.04 9.16 -2.11
C5 T6A A 11 -1.91 8.57 -3.04
C6 T6A A 11 -2.84 7.53 -2.97
N6 T6A A 11 -3.02 6.81 -1.70
N1 T6A A 11 -3.52 7.24 -4.08
C2 T6A A 11 -3.37 7.89 -5.24
N3 T6A A 11 -2.51 8.91 -5.39
C4 T6A A 11 -1.82 9.20 -4.25
C10 T6A A 11 -3.94 5.78 -1.51
O10 T6A A 11 -4.00 5.27 -0.40
N11 T6A A 11 -4.76 5.32 -2.52
C12 T6A A 11 -5.69 4.25 -2.21
C13 T6A A 11 -4.90 2.99 -1.84
ODA T6A A 11 -5.15 2.46 -0.74
ODB T6A A 11 -4.07 2.58 -2.67
C14 T6A A 11 -6.58 4.00 -3.43
O14 T6A A 11 -5.79 4.05 -4.58
C15 T6A A 11 -7.70 5.03 -3.53
H5' T6A A 11 2.77 13.58 -4.26
H5'' T6A A 11 1.59 14.71 -3.58
H4' T6A A 11 0.90 13.50 -5.73
H3' T6A A 11 -0.76 13.34 -3.20
H2' T6A A 11 -2.36 12.05 -4.43
HO2' T6A A 11 -2.24 11.99 -6.76
H1' T6A A 11 -0.50 10.73 -6.06
H8 T6A A 11 0.28 10.77 -2.35
HN6 T6A A 11 -2.46 7.10 -0.92
H2 T6A A 11 -3.97 7.60 -6.09
HN1 T6A A 11 -4.68 5.76 -3.42
H12 T6A A 11 -6.29 4.56 -1.36
H14 T6A A 11 -7.00 3.00 -3.35
HO4 T6A A 11 -5.41 4.93 -4.65
H151 T6A A 11 -7.26 6.04 -3.54
H152 T6A A 11 -8.24 4.87 -4.45
H153 T6A A 11 -8.38 4.94 -2.69
N1 PSU A 13 -5.83 13.31 1.21
C2 PSU A 13 -5.45 12.60 2.29
N3 PSU A 13 -6.27 11.58 2.74
C4 PSU A 13 -7.47 11.19 2.17
C5 PSU A 13 -7.85 11.94 1.00
C6 PSU A 13 -7.09 12.98 0.57
O2 PSU A 13 -4.40 12.84 2.87
O4 PSU A 13 -8.12 10.28 2.67
C1' PSU A 13 -9.22 11.69 0.37
C2' PSU A 13 -10.28 12.59 1.00
O2' PSU A 13 -11.42 11.83 1.32
C3' PSU A 13 -10.61 13.60 -0.09
C4' PSU A 13 -10.32 12.80 -1.36
O3' PSU A 13 -11.97 14.03 -0.08
O4' PSU A 13 -9.23 11.96 -1.03
C5' PSU A 13 -10.00 13.67 -2.58
O5' PSU A 13 -8.80 14.37 -2.35
P PSU A 13 -8.22 15.43 -3.41
OP1 PSU A 13 -9.37 16.11 -4.05
OP2 PSU A 13 -7.17 16.24 -2.73
HN1 PSU A 13 -5.30 14.07 0.81
HN3 PSU A 13 -5.95 11.08 3.56
H6 PSU A 13 -7.43 13.58 -0.26
H1' PSU A 13 -9.51 10.64 0.52
H2' PSU A 13 -9.87 13.08 1.89
HO2' PSU A 13 -11.18 11.15 1.97
H3' PSU A 13 -9.91 14.46 -0.05
H4' PSU A 13 -11.19 12.17 -1.58
H5' PSU A 13 -9.89 13.03 -3.45
H5'' PSU A 13 -10.81 14.38 -2.74
N1 U8U A 8 5.62 -1.03 0.16
C2 U8U A 8 6.09 -1.14 -1.09
S2 U8U A 8 7.86 -1.04 -1.44
N3 U8U A 8 5.21 -1.35 -2.13
C4 U8U A 8 3.84 -1.48 -2.04
O4 U8U A 8 3.16 -1.68 -3.03
C5 U8U A 8 3.33 -1.32 -0.68
C6 U8U A 8 4.17 -1.09 0.35
C U8U A 8 1.84 -1.42 -0.43
N U8U A 8 1.27 -0.06 -0.34
CA U8U A 8 -0.20 -0.04 -0.15
C1' U8U A 8 6.46 -0.87 1.33
O2' U8U A 8 8.02 0.94 1.55
C2' U8U A 8 6.66 0.59 1.69
O3' U8U A 8 7.10 1.53 3.95
C3' U8U A 8 6.23 0.71 3.16
C4' U8U A 8 6.28 -0.74 3.63
O4' U8U A 8 5.93 -1.51 2.49
C5' U8U A 8 5.40 -1.06 4.83
O5' U8U A 8 4.05 -0.77 4.55
P U8U A 8 2.92 -1.03 5.66
OP1 U8U A 8 2.69 -2.49 5.75
OP2 U8U A 8 3.28 -0.27 6.88
HN3 U8U A 8 5.61 -1.45 -3.05
H6 U8U A 8 3.75 -0.93 1.33
HC1 U8U A 8 1.36 -1.95 -1.26
HC2 U8U A 8 1.65 -1.96 0.49
HN1 U8U A 8 1.49 0.44 -1.19
HA1 U8U A 8 -0.54 0.98 -0.07
HA2 U8U A 8 -0.69 -0.50 -1.02
HA3 U8U A 8 -0.47 -0.60 0.74
H1' U8U A 8 7.44 -1.32 1.16
HO2' U8U A 8 8.56 0.36 2.11
H2' U8U A 8 6.02 1.23 1.07
H3' U8U A 8 5.19 1.06 3.22
H4' U8U A 8 7.33 -0.99 3.87
H5' U8U A 8 5.50 -2.13 5.06
H5'' U8U A 8 5.73 -0.48 5.69
HN2 U8U A 8 1.69 0.42 0.45
P T6A A 11 3.49 12.14 -2.62
OP1 T6A A 11 3.88 13.55 -2.80
OP2 T6A A 11 3.06 11.67 -1.28
O5' T6A A 11 2.31 11.80 -3.66
C5' T6A A 11 2.25 12.42 -4.93
C4' T6A A 11 1.04 11.91 -5.68
O4' T6A A 11 0.96 10.49 -5.59
C3' T6A A 11 -0.28 12.42 -5.14
O3' T6A A 11 -0.59 13.70 -5.69
C2' T6A A 11 -1.25 11.32 -5.58
O2' T6A A 11 -1.77 11.61 -6.85
C1' T6A A 11 -0.39 10.06 -5.64
N9 T6A A 11 -0.72 9.17 -4.53
C8 T6A A 11 -0.17 9.22 -3.29
N7 T6A A 11 -0.73 8.37 -2.49
C5 T6A A 11 -1.71 7.74 -3.28
C6 T6A A 11 -2.67 6.76 -3.00
N6 T6A A 11 -2.76 6.18 -1.67
N1 T6A A 11 -3.47 6.40 -4.02
C2 T6A A 11 -3.40 6.94 -5.26
N3 T6A A 11 -2.51 7.89 -5.57
C4 T6A A 11 -1.71 8.24 -4.55
C10 T6A A 11 -3.69 5.23 -1.29
O10 T6A A 11 -3.68 4.83 -0.12
N11 T6A A 11 -4.62 4.70 -2.16
C12 T6A A 11 -5.56 3.72 -1.66
C13 T6A A 11 -4.81 2.47 -1.23
ODA T6A A 11 -3.79 2.16 -1.88
ODB T6A A 11 -5.26 1.85 -0.25
C14 T6A A 11 -6.57 3.39 -2.76
O14 T6A A 11 -5.87 3.27 -3.99
C15 T6A A 11 -7.64 4.46 -2.90
H5' T6A A 11 3.15 12.18 -5.50
H5'' T6A A 11 2.17 13.50 -4.82
H4' T6A A 11 1.11 12.17 -6.75
H3' T6A A 11 -0.20 12.46 -4.04
H2' T6A A 11 -2.05 11.18 -4.84
HO2' T6A A 11 -2.34 10.87 -7.14
H1' T6A A 11 -0.57 9.56 -6.60
H8 T6A A 11 0.63 9.90 -3.00
HN6 T6A A 11 -2.11 6.53 -0.96
H2 T6A A 11 -4.09 6.58 -6.01
HN1 T6A A 11 -4.61 5.05 -3.12
H12 T6A A 11 -6.08 4.16 -0.81
H14 T6A A 11 -7.03 2.42 -2.55
HO4 T6A A 11 -6.50 3.04 -4.67
H151 T6A A 11 -8.28 4.22 -3.76
H152 T6A A 11 -8.24 4.51 -2.00
H153 T6A A 11 -7.17 5.43 -3.09
N1 PSU A 13 -5.26 13.42 0.81
C2 PSU A 13 -4.87 12.80 1.92
N3 PSU A 13 -5.69 11.82 2.46
C4 PSU A 13 -6.91 11.40 1.96
C5 PSU A 13 -7.31 12.08 0.75
C6 PSU A 13 -6.54 13.07 0.23
O2 PSU A 13 -3.80 13.05 2.47
O4 PSU A 13 -7.56 10.54 2.53
C1' PSU A 13 -8.70 11.80 0.16
C2' PSU A 13 -9.73 12.78 0.73
O2' PSU A 13 -10.87 12.06 1.12
C3' PSU A 13 -10.05 13.70 -0.44
C4' PSU A 13 -9.81 12.79 -1.64
O3' PSU A 13 -11.41 14.17 -0.44
O4' PSU A 13 -8.72 11.95 -1.26
C5' PSU A 13 -9.49 13.53 -2.93
O5' PSU A 13 -8.24 14.18 -2.79
P PSU A 13 -7.64 15.10 -3.98
OP1 PSU A 13 -8.77 15.81 -4.62
OP2 PSU A 13 -6.51 15.88 -3.41
HN1 PSU A 13 -4.73 14.15 0.35
HN3 PSU A 13 -5.37 11.36 3.31
H6 PSU A 13 -6.89 13.62 -0.64
H1' PSU A 13 -9.00 10.77 0.39
H2' PSU A 13 -9.30 13.33 1.57
HO2' PSU A 13 -11.22 11.57 0.35
H3' PSU A 13 -9.33 14.53 -0.50
H4' PSU A 13 -10.70 12.15 -1.78
H5' PSU A 13 -9.46 12.83 -3.75
H5'' PSU A 13 -10.28 14.27 -3.11
N1 U8U A 8 5.88 -0.39 -0.02
C2 U8U A 8 6.37 -0.33 -1.27
S2 U8U A 8 8.13 -0.09 -1.60
N3 U8U A 8 5.49 -0.47 -2.33
C4 U8U A 8 4.13 -0.68 -2.25
O4 U8U A 8 3.46 -0.80 -3.28
C5 U8U A 8 3.62 -0.72 -0.90
C6 U8U A 8 4.45 -0.56 0.15
C U8U A 8 2.13 -0.93 -0.67
N U8U A 8 1.49 0.36 -0.36
CA U8U A 8 0.04 0.25 -0.17
C1' U8U A 8 6.74 -0.33 1.16
O2' U8U A 8 8.25 1.51 1.51
C2' U8U A 8 6.90 1.11 1.67
O3' U8U A 8 7.40 1.80 3.98
C3' U8U A 8 6.51 1.05 3.15
C4' U8U A 8 6.59 -0.42 3.47
O4' U8U A 8 6.22 -1.08 2.27
C5' U8U A 8 5.73 -0.87 4.64
O5' U8U A 8 4.37 -0.56 4.42
P U8U A 8 3.26 -0.89 5.55
OP1 U8U A 8 3.09 -2.36 5.58
OP2 U8U A 8 3.63 -0.16 6.78
HN3 U8U A 8 5.89 -0.42 -3.26
H6 U8U A 8 4.03 -0.55 1.15
HC1 U8U A 8 1.68 -1.37 -1.56
HC2 U8U A 8 1.99 -1.62 0.16
HN1 U8U A 8 1.67 1.00 -1.12
HA1 U8U A 8 -0.44 -0.09 -1.09
HA2 U8U A 8 -0.19 -0.44 0.64
HA3 U8U A 8 -0.36 1.24 0.08
H1' U8U A 8 7.73 -0.74 0.95
HO2' U8U A 8 8.82 0.89 2.00
H2' U8U A 8 6.23 1.78 1.12
H3' U8U A 8 5.48 1.39 3.26
H4' U8U A 8 7.65 -0.68 3.66
H5' U8U A 8 5.84 -1.96 4.76
H5'' U8U A 8 6.08 -0.37 5.54
HN2 U8U A 8 1.90 0.73 0.48
P T6A A 11 3.03 12.68 -1.75
OP1 T6A A 11 3.40 14.11 -1.72
OP2 T6A A 11 2.48 12.05 -0.52
O5' T6A A 11 1.95 12.46 -2.92
C5' T6A A 11 2.01 13.22 -4.12
C4' T6A A 11 0.92 12.73 -5.07
O4' T6A A 11 0.91 11.31 -5.12
C3' T6A A 11 -0.48 13.14 -4.65
O3' T6A A 11 -0.79 14.47 -5.10
C2' T6A A 11 -1.32 12.07 -5.35
O2' T6A A 11 -1.63 12.48 -6.67
C1' T6A A 11 -0.41 10.84 -5.41
N9 T6A A 11 -0.85 9.86 -4.43
C8 T6A A 11 -0.45 9.80 -3.13
N7 T6A A 11 -1.10 8.87 -2.48
C5 T6A A 11 -1.96 8.32 -3.43
C6 T6A A 11 -2.93 7.30 -3.37
N6 T6A A 11 -3.16 6.60 -2.11
N1 T6A A 11 -3.60 7.04 -4.50
C2 T6A A 11 -3.41 7.68 -5.66
N3 T6A A 11 -2.50 8.67 -5.78
C4 T6A A 11 -1.82 8.93 -4.64
C10 T6A A 11 -4.10 5.60 -1.93
O10 T6A A 11 -4.20 5.08 -0.81
N11 T6A A 11 -4.93 5.17 -2.95
C12 T6A A 11 -5.89 4.12 -2.66
C13 T6A A 11 -5.15 2.84 -2.30
ODA T6A A 11 -5.35 2.39 -1.15
ODB T6A A 11 -4.42 2.35 -3.17
C14 T6A A 11 -6.78 3.91 -3.87
O14 T6A A 11 -5.98 3.96 -5.03
C15 T6A A 11 -7.87 4.98 -3.98
H5' T6A A 11 2.98 13.08 -4.59
H5'' T6A A 11 1.85 14.27 -3.90
H4' T6A A 11 1.11 13.11 -6.09
H3' T6A A 11 -0.56 13.05 -3.56
H2' T6A A 11 -2.22 11.83 -4.79
HO2' T6A A 11 -2.11 11.76 -7.12
H1' T6A A 11 -0.43 10.42 -6.42
H8 T6A A 11 0.29 10.45 -2.68
HN6 T6A A 11 -2.59 6.87 -1.32
H2 T6A A 11 -4.00 7.40 -6.52
HN1 T6A A 11 -4.82 5.60 -3.85
H12 T6A A 11 -6.50 4.45 -1.81
H14 T6A A 11 -7.23 2.92 -3.82
HO4 T6A A 11 -5.31 3.27 -4.97
H151 T6A A 11 -7.41 5.96 -3.96
H152 T6A A 11 -8.41 4.85 -4.92
H153 T6A A 11 -8.57 4.89 -3.16
N1 PSU A 13 -5.35 13.32 0.97
C2 PSU A 13 -4.92 12.60 2.00
N3 PSU A 13 -5.71 11.57 2.48
C4 PSU A 13 -6.94 11.18 1.96
C5 PSU A 13 -7.37 11.95 0.81
C6 PSU A 13 -6.64 12.99 0.38
O2 PSU A 13 -3.84 12.83 2.54
O4 PSU A 13 -7.57 10.25 2.47
C1' PSU A 13 -8.76 11.69 0.24
C2' PSU A 13 -9.80 12.59 0.90
O2' PSU A 13 -10.93 11.82 1.28
C3' PSU A 13 -10.19 13.59 -0.19
C4' PSU A 13 -9.94 12.79 -1.46
O3' PSU A 13 -11.57 14.00 -0.12
O4' PSU A 13 -8.82 11.97 -1.16
C5' PSU A 13 -9.66 13.66 -2.68
O5' PSU A 13 -8.44 14.33 -2.51
P PSU A 13 -7.88 15.37 -3.60
OP1 PSU A 13 -9.04 16.08 -4.19
OP2 PSU A 13 -6.80 16.16 -2.96
HN1 PSU A 13 -4.84 14.09 0.55
HN3 PSU A 13 -5.36 11.05 3.27
H6 PSU A 13 -7.02 13.61 -0.43
H1' PSU A 13 -9.05 10.63 0.39
H2' PSU A 13 -9.36 13.11 1.77
HO2' PSU A 13 -10.65 11.15 1.93
H3' PSU A 13 -9.51 14.46 -0.18
H4' PSU A 13 -10.80 12.14 -1.64
H5' PSU A 13 -9.63 13.03 -3.56
H5'' PSU A 13 -10.47 14.39 -2.79
N1 U8U A 8 6.10 -0.26 0.28
C2 U8U A 8 6.60 -0.19 -0.96
S2 U8U A 8 8.36 0.15 -1.25
N3 U8U A 8 5.78 -0.40 -2.04
C4 U8U A 8 4.42 -0.70 -1.98
O4 U8U A 8 3.79 -0.88 -3.03
C5 U8U A 8 3.88 -0.74 -0.65
C6 U8U A 8 4.67 -0.51 0.43
C U8U A 8 2.40 -1.03 -0.44
N U8U A 8 1.69 0.21 -0.13
CA U8U A 8 0.24 0.03 0.04
C1' U8U A 8 6.91 -0.12 1.48
O2' U8U A 8 8.31 1.81 1.82
C2' U8U A 8 6.98 1.34 1.94
O3' U8U A 8 7.39 2.12 4.26
C3' U8U A 8 6.56 1.31 3.42
C4' U8U A 8 6.71 -0.16 3.78
O4' U8U A 8 6.41 -0.86 2.59
C5' U8U A 8 5.83 -0.62 4.94
O5' U8U A 8 4.47 -0.38 4.67
P U8U A 8 3.34 -0.75 5.75
OP1 U8U A 8 3.22 -2.23 5.81
OP2 U8U A 8 3.63 0.00 7.00
HN3 U8U A 8 6.19 -0.35 -2.96
H6 U8U A 8 4.21 -0.51 1.41
HC1 U8U A 8 1.99 -1.48 -1.34
HC2 U8U A 8 2.29 -1.74 0.38
HN1 U8U A 8 1.84 0.87 -0.88
HA1 U8U A 8 -0.21 0.99 0.30
HA2 U8U A 8 -0.21 -0.33 -0.89
HA3 U8U A 8 0.04 -0.68 0.84
H1' U8U A 8 7.93 -0.47 1.30
HO2' U8U A 8 8.90 1.24 2.33
H2' U8U A 8 6.29 1.96 1.37
H3' U8U A 8 5.51 1.60 3.50
H4' U8U A 8 7.77 -0.36 4.02
H5' U8U A 8 5.99 -1.69 5.10
H5'' U8U A 8 6.11 -0.08 5.84
HN2 U8U A 8 2.07 0.60 0.72
P T6A A 11 2.72 12.89 -1.66
OP1 T6A A 11 3.03 14.34 -1.64
OP2 T6A A 11 2.19 12.24 -0.45
O5' T6A A 11 1.69 12.62 -2.86
C5' T6A A 11 1.72 13.39 -4.05
C4' T6A A 11 0.67 12.86 -5.02
O4' T6A A 11 0.72 11.43 -5.07
C3' T6A A 11 -0.76 13.20 -4.63
O3' T6A A 11 -1.10 14.51 -5.08
C2' T6A A 11 -1.54 12.10 -5.35
O2' T6A A 11 -1.83 12.49 -6.67
C1' T6A A 11 -0.58 10.91 -5.37
N9 T6A A 11 -0.99 9.92 -4.40
C8 T6A A 11 -0.60 9.87 -3.10
N7 T6A A 11 -1.22 8.92 -2.45
C5 T6A A 11 -2.07 8.34 -3.40
C6 T6A A 11 -3.01 7.31 -3.35
N6 T6A A 11 -3.23 6.59 -2.09
N1 T6A A 11 -3.68 7.03 -4.47
C2 T6A A 11 -3.50 7.69 -5.63
N3 T6A A 11 -2.61 8.69 -5.76
C4 T6A A 11 -1.94 8.96 -4.61
C10 T6A A 11 -4.15 5.57 -1.91
O10 T6A A 11 -4.24 5.06 -0.79
N11 T6A A 11 -4.97 5.13 -2.93
C12 T6A A 11 -5.91 4.06 -2.64
C13 T6A A 11 -5.15 2.80 -2.28
ODA T6A A 11 -3.97 2.71 -2.68
ODB T6A A 11 -5.76 1.93 -1.61
C14 T6A A 11 -6.80 3.84 -3.86
O14 T6A A 11 -6.00 3.91 -5.01
C15 T6A A 11 -7.91 4.88 -3.96
H5' T6A A 11 2.70 13.31 -4.51
H5'' T6A A 11 1.50 14.43 -3.82
H4' T6A A 11 0.86 13.23 -6.03
H3' T6A A 11 -0.85 13.11 -3.54
H2' T6A A 11 -2.44 11.82 -4.80
HO2' T6A A 11 -2.28 11.76 -7.13
H1' T6A A 11 -0.56 10.48 -6.38
H8 T6A A 11 0.13 10.52 -2.65
HN6 T6A A 11 -2.67 6.87 -1.29
H2 T6A A 11 -4.08 7.39 -6.50
HN1 T6A A 11 -4.87 5.58 -3.83
H12 T6A A 11 -6.52 4.38 -1.79
H14 T6A A 11 -7.23 2.83 -3.81
HO4 T6A A 11 -5.31 3.24 -4.95
H151 T6A A 11 -7.47 5.88 -3.94
H152 T6A A 11 -8.45 4.74 -4.89
H153 T6A A 11 -8.61 4.77 -3.13
N1 PSU A 13 -5.61 13.19 0.93
C2 PSU A 13 -5.17 12.49 1.97
N3 PSU A 13 -5.94 11.45 2.45
C4 PSU A 13 -7.17 11.04 1.95
C5 PSU A 13 -7.61 11.79 0.79
C6 PSU A 13 -6.90 12.85 0.34
O2 PSU A 13 -4.09 12.75 2.51
O4 PSU A 13 -7.78 10.12 2.48
C1' PSU A 13 -9.01 11.51 0.23
C2' PSU A 13 -10.06 12.40 0.90
O2' PSU A 13 -11.18 11.62 1.24
C3' PSU A 13 -10.43 13.41 -0.18
C4' PSU A 13 -10.20 12.60 -1.45
O3' PSU A 13 -11.81 13.82 -0.11
O4' PSU A 13 -9.08 11.78 -1.17
C5' PSU A 13 -9.94 13.46 -2.69
O5' PSU A 13 -8.73 14.16 -2.52
P PSU A 13 -8.19 15.21 -3.63
OP1 PSU A 13 -9.36 15.88 -4.23
OP2 PSU A 13 -7.12 16.02 -3.01
HN1 PSU A 13 -5.11 13.96 0.51
HN3 PSU A 13 -5.58 10.95 3.26
H6 PSU A 13 -7.28 13.44 -0.46
H1' PSU A 13 -9.27 10.46 0.39
H2' PSU A 13 -9.63 12.89 1.77
HO2' PSU A 13 -11.96 12.19 1.32
H3' PSU A 13 -9.75 14.26 -0.18
H4' PSU A 13 -11.06 11.95 -1.62
H5' PSU A 13 -9.89 12.83 -3.57
H5'' PSU A 13 -10.76 14.17 -2.80
N1 U8U A 8 5.70 -1.13 0.31
C2 U8U A 8 6.17 -1.26 -0.94
S2 U8U A 8 7.93 -1.13 -1.33
N3 U8U A 8 5.27 -1.51 -1.97
C4 U8U A 8 3.90 -1.64 -1.85
O4 U8U A 8 3.22 -1.87 -2.84
C5 U8U A 8 3.42 -1.47 -0.50
C6 U8U A 8 4.27 -1.22 0.52
C U8U A 8 1.93 -1.59 -0.23
N U8U A 8 1.33 -0.25 -0.17
CA U8U A 8 -0.12 -0.26 0.04
C1' U8U A 8 6.55 -0.93 1.47
O2' U8U A 8 8.02 0.97 1.61
C2' U8U A 8 6.69 0.56 1.82
O3' U8U A 8 7.20 1.50 4.06
C3' U8U A 8 6.32 0.65 3.30
C4' U8U A 8 6.44 -0.80 3.77
O4' U8U A 8 6.07 -1.57 2.64
C5' U8U A 8 5.61 -1.16 5.00
O5' U8U A 8 4.24 -0.90 4.77
P U8U A 8 3.16 -1.19 5.93
OP1 U8U A 8 3.01 -2.66 6.06
OP2 U8U A 8 3.53 -0.38 7.12
HN3 U8U A 8 5.66 -1.60 -2.90
H6 U8U A 8 3.86 -1.06 1.51
HC1 U8U A 8 1.46 -2.16 -1.03
HC2 U8U A 8 1.75 -2.12 0.71
HN1 U8U A 8 1.53 0.24 -1.04
HA1 U8U A 8 -0.37 -0.77 0.98
HA2 U8U A 8 -0.49 0.77 0.09
HA3 U8U A 8 -0.62 -0.76 -0.79
H1' U8U A 8 7.57 -1.33 1.29
HO2' U8U A 8 8.62 0.42 2.15
H2' U8U A 8 5.99 1.15 1.22
H3' U8U A 8 5.27 0.96 3.40
H4' U8U A 8 7.50 -1.01 3.98
H5' U8U A 8 5.76 -2.21 5.22
H5'' U8U A 8 5.95 -0.55 5.84
HN2 U8U A 8 1.76 0.26 0.58
P T6A A 11 3.54 12.25 -2.22
OP1 T6A A 11 4.05 13.64 -2.35
OP2 T6A A 11 3.06 11.78 -0.90
O5' T6A A 11 2.35 12.06 -3.28
C5' T6A A 11 2.37 12.72 -4.53
C4' T6A A 11 1.19 12.23 -5.37
O4' T6A A 11 1.07 10.82 -5.28
C3' T6A A 11 -0.15 12.79 -4.90
O3' T6A A 11 -0.40 14.07 -5.47
C2' T6A A 11 -1.11 11.71 -5.39
O2' T6A A 11 -1.56 12.00 -6.69
C1' T6A A 11 -0.29 10.43 -5.41
N9 T6A A 11 -0.70 9.56 -4.34
C8 T6A A 11 -0.29 9.65 -3.04
N7 T6A A 11 -0.91 8.78 -2.28
C5 T6A A 11 -1.78 8.11 -3.15
C6 T6A A 11 -2.73 7.10 -2.97
N6 T6A A 11 -2.95 6.54 -1.65
N1 T6A A 11 -3.41 6.70 -4.05
C2 T6A A 11 -3.23 7.21 -5.29
N3 T6A A 11 -2.34 8.19 -5.52
C4 T6A A 11 -1.66 8.59 -4.42
C10 T6A A 11 -3.89 5.56 -1.34
O10 T6A A 11 -3.97 5.18 -0.17
N11 T6A A 11 -4.71 5.00 -2.29
C12 T6A A 11 -5.66 3.99 -1.88
C13 T6A A 11 -4.91 2.77 -1.36
ODA T6A A 11 -3.89 2.42 -1.99
ODB T6A A 11 -5.37 2.22 -0.34
C14 T6A A 11 -6.54 3.61 -3.07
O14 T6A A 11 -5.73 3.52 -4.22
C15 T6A A 11 -7.63 4.65 -3.32
H5' T6A A 11 3.29 12.48 -5.06
H5'' T6A A 11 2.31 13.79 -4.40
H4' T6A A 11 1.33 12.50 -6.42
H3' T6A A 11 -0.14 12.83 -3.80
H2' T6A A 11 -1.96 11.58 -4.69
HO2' T6A A 11 -2.13 11.29 -7.01
H1' T6A A 11 -0.42 9.92 -6.39
H8 T6A A 11 0.44 10.35 -2.68
HN6 T6A A 11 -2.39 6.91 -0.89
H2 T6A A 11 -3.82 6.82 -6.11
HN1 T6A A 11 -4.60 5.33 -3.25
H12 T6A A 11 -6.27 4.41 -1.09
H14 T6A A 11 -6.99 2.64 -2.89
HO4 T6A A 11 -6.28 3.26 -4.96
H151 T6A A 11 -8.33 4.68 -2.48
H152 T6A A 11 -7.18 5.64 -3.45
H153 T6A A 11 -8.17 4.39 -4.23
N1 PSU A 13 -5.31 13.56 0.94
C2 PSU A 13 -4.96 12.88 2.04
N3 PSU A 13 -5.79 11.88 2.50
C4 PSU A 13 -6.98 11.47 1.92
C5 PSU A 13 -7.33 12.19 0.71
C6 PSU A 13 -6.56 13.21 0.27
O2 PSU A 13 -3.92 13.14 2.65
O4 PSU A 13 -7.64 10.57 2.43
C1' PSU A 13 -8.68 11.91 0.07
C2' PSU A 13 -9.75 12.85 0.63
O2' PSU A 13 -10.90 12.10 0.97
C3' PSU A 13 -10.07 13.81 -0.51
C4' PSU A 13 -9.75 12.96 -1.73
O3' PSU A 13 -11.43 14.24 -0.54
O4' PSU A 13 -8.66 12.13 -1.34
C5' PSU A 13 -9.39 13.78 -2.97
O5' PSU A 13 -8.15 14.43 -2.77
P PSU A 13 -7.52 15.42 -3.87
OP1 PSU A 13 -8.63 16.15 -4.51
OP2 PSU A 13 -6.43 16.18 -3.22
HN1 PSU A 13 -4.77 14.30 0.52
HN3 PSU A 13 -5.49 11.39 3.34
H6 PSU A 13 -6.87 13.79 -0.58
H1' PSU A 13 -8.98 10.87 0.24
H2' PSU A 13 -9.35 13.38 1.51
HO2' PSU A 13 -11.22 11.63 0.18
H3' PSU A 13 -9.37 14.66 -0.50
H4' PSU A 13 -10.61 12.32 -1.95
H5' PSU A 13 -9.33 13.12 -3.83
H5'' PSU A 13 -10.18 14.53 -3.14
N1 U8U A 8 5.34 -1.52 -0.22
C2 U8U A 8 5.65 -1.69 -1.51
S2 U8U A 8 7.36 -1.70 -2.08
N3 U8U A 8 4.63 -1.90 -2.42
C4 U8U A 8 3.28 -1.95 -2.15
O4 U8U A 8 2.47 -2.15 -3.06
C5 U8U A 8 2.95 -1.71 -0.76
C6 U8U A 8 3.93 -1.49 0.15
C U8U A 8 1.50 -1.72 -0.32
N U8U A 8 1.04 -0.33 -0.14
CA U8U A 8 -0.39 -0.23 0.22
C1' U8U A 8 6.34 -1.35 0.83
O2' U8U A 8 8.04 0.31 0.63
C2' U8U A 8 6.71 0.11 1.05
O3' U8U A 8 7.64 1.09 3.12
C3' U8U A 8 6.56 0.35 2.54
C4' U8U A 8 6.54 -1.06 3.10
O4' U8U A 8 5.91 -1.85 2.10
C5' U8U A 8 5.82 -1.22 4.44
O5' U8U A 8 4.47 -0.81 4.34
P U8U A 8 3.49 -0.88 5.61
OP1 U8U A 8 3.22 -2.31 5.90
OP2 U8U A 8 4.04 -0.01 6.67
HN3 U8U A 8 4.91 -2.04 -3.39
H6 U8U A 8 3.64 -1.28 1.17
HC1 U8U A 8 0.89 -2.21 -1.08
HC2 U8U A 8 1.41 -2.27 0.61
HN1 U8U A 8 1.19 0.18 -0.99
HA1 U8U A 8 -0.58 -0.80 1.14
HA2 U8U A 8 -0.64 0.82 0.40
HA3 U8U A 8 -1.00 -0.62 -0.58
H1' U8U A 8 7.25 -1.91 0.57
HO2' U8U A 8 8.13 0.12 -0.32
H2' U8U A 8 6.02 0.77 0.49
H3' U8U A 8 5.59 0.82 2.76
H4' U8U A 8 7.57 -1.43 3.20
H5' U8U A 8 5.85 -2.27 4.74
H5'' U8U A 8 6.32 -0.61 5.19
HN2 U8U A 8 1.59 0.10 0.60
P T6A A 11 4.14 11.60 -3.77
OP1 T6A A 11 4.73 12.92 -4.14
OP2 T6A A 11 3.89 11.29 -2.35
O5' T6A A 11 2.76 11.44 -4.57
C5' T6A A 11 2.56 12.07 -5.82
C4' T6A A 11 1.18 11.68 -6.36
O4' T6A A 11 0.97 10.28 -6.20
C3' T6A A 11 0.03 12.35 -5.63
O3' T6A A 11 -0.24 13.65 -6.19
C2' T6A A 11 -1.11 11.36 -5.83
O2' T6A A 11 -1.86 11.70 -6.98
C1' T6A A 11 -0.43 10.02 -6.07
N9 T6A A 11 -0.69 9.12 -4.95
C8 T6A A 11 -0.03 9.13 -3.76
N7 T6A A 11 -0.57 8.27 -2.92
C5 T6A A 11 -1.64 7.72 -3.63
C6 T6A A 11 -2.63 6.78 -3.30
N6 T6A A 11 -2.65 6.19 -1.96
N1 T6A A 11 -3.52 6.47 -4.25
C2 T6A A 11 -3.54 7.02 -5.48
N3 T6A A 11 -2.63 7.95 -5.85
C4 T6A A 11 -1.73 8.24 -4.90
C10 T6A A 11 -3.58 5.26 -1.52
O10 T6A A 11 -3.51 4.85 -0.37
N11 T6A A 11 -4.61 4.81 -2.33
C12 T6A A 11 -5.56 3.86 -1.77
C13 T6A A 11 -4.84 2.58 -1.41
ODA T6A A 11 -3.75 2.34 -1.98
ODB T6A A 11 -5.39 1.84 -0.56
C14 T6A A 11 -6.66 3.59 -2.79
O14 T6A A 11 -6.07 3.46 -4.06
C15 T6A A 11 -7.69 4.74 -2.84
H5' T6A A 11 3.31 11.73 -6.54
H5'' T6A A 11 2.60 13.15 -5.73
H4' T6A A 11 1.11 11.91 -7.44
H3' T6A A 11 0.29 12.42 -4.56
H2' T6A A 11 -1.75 11.30 -4.94
HO2' T6A A 11 -2.55 11.03 -7.12
H1' T6A A 11 -0.79 9.58 -7.01
H8 T6A A 11 0.82 9.74 -3.53
HN6 T6A A 11 -1.92 6.47 -1.32
H2 T6A A 11 -4.30 6.72 -6.17
HN1 T6A A 11 -4.66 5.16 -3.28
H12 T6A A 11 -5.98 4.31 -0.87
H14 T6A A 11 -7.16 2.66 -2.55
HO4 T6A A 11 -5.44 2.73 -4.03
H151 T6A A 11 -8.22 4.81 -1.90
H152 T6A A 11 -7.18 5.67 -3.07
H153 T6A A 11 -8.41 4.52 -3.64
N1 PSU A 13 -4.83 13.73 0.91
C2 PSU A 13 -4.46 13.07 2.01
N3 PSU A 13 -5.30 12.10 2.53
C4 PSU A 13 -6.52 11.72 1.99
C5 PSU A 13 -6.89 12.42 0.78
C6 PSU A 13 -6.11 13.41 0.30
O2 PSU A 13 -3.40 13.31 2.58
O4 PSU A 13 -7.20 10.85 2.54
C1' PSU A 13 -8.27 12.17 0.18
C2' PSU A 13 -9.30 13.13 0.75
O2' PSU A 13 -10.44 12.40 1.15
C3' PSU A 13 -9.65 14.07 -0.39
C4' PSU A 13 -9.38 13.20 -1.61
O3' PSU A 13 -11.02 14.50 -0.39
O4' PSU A 13 -8.28 12.36 -1.24
C5' PSU A 13 -9.05 13.99 -2.87
O5' PSU A 13 -7.77 14.57 -2.73
P PSU A 13 -7.14 15.53 -3.88
OP1 PSU A 13 -8.24 16.32 -4.46
OP2 PSU A 13 -5.97 16.21 -3.30
HN1 PSU A 13 -4.28 14.45 0.47
HN3 PSU A 13 -5.01 11.62 3.36
H6 PSU A 13 -6.43 13.98 -0.56
H1' PSU A 13 -8.58 11.13 0.38
H2' PSU A 13 -8.87 13.68 1.61
HO2' PSU A 13 -10.19 11.77 1.85
H3' PSU A 13 -8.95 14.92 -0.42
H4' PSU A 13 -10.25 12.56 -1.78
H5' PSU A 13 -9.06 13.33 -3.73
H5'' PSU A 13 -9.79 14.78 -3.00
N1 U8U A 8 5.52 -1.18 0.03
C2 U8U A 8 5.94 -1.26 -1.24
S2 U8U A 8 7.70 -1.20 -1.67
N3 U8U A 8 5.02 -1.43 -2.26
C4 U8U A 8 3.64 -1.52 -2.11
O4 U8U A 8 2.92 -1.68 -3.08
C5 U8U A 8 3.20 -1.39 -0.73
C6 U8U A 8 4.08 -1.21 0.27
C U8U A 8 1.72 -1.46 -0.42
N U8U A 8 1.18 -0.10 -0.26
CA U8U A 8 -0.28 -0.06 -0.02
C1' U8U A 8 6.42 -1.08 1.16
O2' U8U A 8 8.07 0.66 1.30
C2' U8U A 8 6.71 0.38 1.53
O3' U8U A 8 7.36 1.23 3.76
C3' U8U A 8 6.39 0.48 3.02
C4' U8U A 8 6.40 -0.97 3.47
O4' U8U A 8 5.91 -1.70 2.35
C5' U8U A 8 5.57 -1.27 4.72
O5' U8U A 8 4.23 -0.89 4.54
P U8U A 8 3.17 -1.07 5.75
OP1 U8U A 8 2.94 -2.52 5.93
OP2 U8U A 8 3.62 -0.24 6.88
HN3 U8U A 8 5.37 -1.49 -3.20
H6 U8U A 8 3.71 -1.08 1.28
HC1 U8U A 8 1.19 -1.95 -1.24
HC2 U8U A 8 1.55 -2.04 0.48
HN1 U8U A 8 1.38 0.44 -1.08
HA1 U8U A 8 -0.80 -0.46 -0.88
HA2 U8U A 8 -0.52 -0.64 0.87
HA3 U8U A 8 -0.58 0.98 0.13
H1' U8U A 8 7.38 -1.57 0.94
HO2' U8U A 8 8.62 0.04 1.81
H2' U8U A 8 6.06 1.06 0.97
H3' U8U A 8 5.37 0.89 3.16
H4' U8U A 8 7.44 -1.28 3.63
H5' U8U A 8 5.62 -2.34 4.93
H5'' U8U A 8 6.00 -0.72 5.55
HN2 U8U A 8 1.65 0.34 0.53
P T6A A 11 3.52 11.99 -2.30
OP1 T6A A 11 4.04 13.36 -2.39
OP2 T6A A 11 3.05 11.46 -1.00
O5' T6A A 11 2.32 11.83 -3.37
C5' T6A A 11 2.34 12.52 -4.59
C4' T6A A 11 1.15 12.10 -5.43
O4' T6A A 11 1.02 10.68 -5.39
C3' T6A A 11 -0.18 12.64 -4.93
O3' T6A A 11 -0.42 13.94 -5.46
C2' T6A A 11 -1.17 11.59 -5.43
O2' T6A A 11 -1.63 11.94 -6.73
C1' T6A A 11 -0.36 10.31 -5.53
N9 T6A A 11 -0.76 9.39 -4.48
C8 T6A A 11 -0.32 9.41 -3.19
N7 T6A A 11 -0.94 8.53 -2.45
C5 T6A A 11 -1.85 7.92 -3.34
C6 T6A A 11 -2.83 6.93 -3.17
N6 T6A A 11 -3.02 6.32 -1.87
N1 T6A A 11 -3.54 6.59 -4.26
C2 T6A A 11 -3.37 7.16 -5.48
N3 T6A A 11 -2.46 8.12 -5.69
C4 T6A A 11 -1.74 8.45 -4.59
C10 T6A A 11 -3.98 5.35 -1.59
O10 T6A A 11 -4.06 4.91 -0.44
N11 T6A A 11 -4.83 4.86 -2.55
C12 T6A A 11 -5.81 3.85 -2.16
C13 T6A A 11 -5.08 2.59 -1.71
ODA T6A A 11 -4.03 2.29 -2.31
ODB T6A A 11 -5.60 1.94 -0.77
C14 T6A A 11 -6.73 3.55 -3.35
O14 T6A A 11 -5.94 3.49 -4.52
C15 T6A A 11 -7.79 4.63 -3.52
H5' T6A A 11 3.25 12.29 -5.14
H5'' T6A A 11 2.29 13.60 -4.41
H4' T6A A 11 1.28 12.40 -6.47
H3' T6A A 11 -0.15 12.64 -3.83
H2' T6A A 11 -2.00 11.45 -4.73
HO2' T6A A 11 -2.21 11.24 -7.06
H1' T6A A 11 -0.50 9.85 -6.52
H8 T6A A 11 0.45 10.08 -2.81
HN6 T6A A 11 -2.44 6.64 -1.11
H2 T6A A 11 -3.99 6.82 -6.29
HN1 T6A A 11 -4.75 5.22 -3.49
H12 T6A A 11 -6.39 4.25 -1.33
H14 T6A A 11 -7.19 2.58 -3.21
HO4 T6A A 11 -6.51 3.28 -5.26
H151 T6A A 11 -8.36 4.42 -4.43
H152 T6A A 11 -8.47 4.63 -2.67
H153 T6A A 11 -7.32 5.60 -3.62
N1 PSU A 13 -5.22 13.48 0.97
C2 PSU A 13 -4.82 12.80 2.04
N3 PSU A 13 -5.63 11.78 2.51
C4 PSU A 13 -6.82 11.36 1.96
C5 PSU A 13 -7.22 12.09 0.78
C6 PSU A 13 -6.47 13.14 0.34
O2 PSU A 13 -3.77 13.07 2.63
O4 PSU A 13 -7.46 10.44 2.48
C1' PSU A 13 -8.59 11.81 0.16
C2' PSU A 13 -9.65 12.72 0.75
O2' PSU A 13 -10.79 11.94 1.09
C3' PSU A 13 -10.00 13.69 -0.37
C4' PSU A 13 -9.70 12.86 -1.60
O3' PSU A 13 -11.37 14.11 -0.36
O4' PSU A 13 -8.59 12.04 -1.25
C5' PSU A 13 -9.39 13.69 -2.84
O5' PSU A 13 -8.13 14.33 -2.67
P PSU A 13 -7.53 15.34 -3.78
OP1 PSU A 13 -8.66 16.07 -4.39
OP2 PSU A 13 -6.43 16.09 -3.15
HN1 PSU A 13 -4.70 14.25 0.56
HN3 PSU A 13 -5.31 11.29 3.34
H6 PSU A 13 -6.82 13.72 -0.50
H1' PSU A 13 -8.86 10.75 0.32
H2' PSU A 13 -9.25 13.24 1.63
HO2' PSU A 13 -11.10 11.48 0.30
H3' PSU A 13 -9.31 14.55 -0.36
H4' PSU A 13 -10.56 12.20 -1.81
H5' PSU A 13 -9.37 13.04 -3.72
H5'' PSU A 13 -10.17 14.45 -2.97
N1 U8U A 8 5.20 -1.10 -0.20
C2 U8U A 8 5.60 -1.14 -1.48
S2 U8U A 8 7.35 -1.12 -1.93
N3 U8U A 8 4.65 -1.19 -2.48
C4 U8U A 8 3.28 -1.21 -2.32
O4 U8U A 8 2.53 -1.29 -3.29
C5 U8U A 8 2.86 -1.15 -0.93
C6 U8U A 8 3.77 -1.07 0.07
C U8U A 8 1.38 -1.16 -0.60
N U8U A 8 0.92 0.21 -0.34
CA U8U A 8 -0.53 0.31 -0.09
C1' U8U A 8 6.12 -1.11 0.92
O2' U8U A 8 7.87 0.51 1.15
C2' U8U A 8 6.50 0.31 1.37
O3' U8U A 8 7.19 1.03 3.62
C3' U8U A 8 6.19 0.35 2.87
C4' U8U A 8 6.14 -1.13 3.23
O4' U8U A 8 5.60 -1.77 2.08
C5' U8U A 8 5.35 -1.46 4.48
O5' U8U A 8 4.01 -1.02 4.37
P U8U A 8 2.98 -1.26 5.59
OP1 U8U A 8 2.73 -2.72 5.70
OP2 U8U A 8 3.47 -0.51 6.76
HN3 U8U A 8 4.99 -1.21 -3.44
H6 U8U A 8 3.42 -0.99 1.09
HC1 U8U A 8 0.82 -1.58 -1.44
HC2 U8U A 8 1.20 -1.79 0.28
HN1 U8U A 8 1.14 0.79 -1.14
HA1 U8U A 8 -0.78 1.35 0.14
HA2 U8U A 8 -1.09 -0.01 -0.96
HA3 U8U A 8 -0.80 -0.32 0.77
H1' U8U A 8 7.05 -1.64 0.66
HO2' U8U A 8 8.18 1.22 1.75
H2' U8U A 8 5.89 1.06 0.83
H3' U8U A 8 5.19 0.79 3.02
H4' U8U A 8 7.18 -1.49 3.35
H5' U8U A 8 5.36 -2.54 4.63
H5'' U8U A 8 5.81 -0.97 5.33
HN2 U8U A 8 1.42 0.57 0.46
P T6A A 11 4.21 12.36 -2.16
OP1 T6A A 11 4.82 13.70 -2.33
OP2 T6A A 11 3.78 11.91 -0.82
O5' T6A A 11 2.95 12.25 -3.16
C5' T6A A 11 2.94 12.96 -4.39
C4' T6A A 11 1.68 12.56 -5.16
O4' T6A A 11 1.51 11.15 -5.11
C3' T6A A 11 0.40 13.15 -4.59
O3' T6A A 11 0.16 14.46 -5.14
C2' T6A A 11 -0.64 12.13 -5.02
O2' T6A A 11 -1.22 12.49 -6.25
C1' T6A A 11 0.13 10.82 -5.19
N9 T6A A 11 -0.26 9.88 -4.15
C8 T6A A 11 0.19 9.89 -2.86
N7 T6A A 11 -0.43 8.99 -2.14
C5 T6A A 11 -1.32 8.38 -3.03
C6 T6A A 11 -2.28 7.37 -2.87
N6 T6A A 11 -2.47 6.74 -1.57
N1 T6A A 11 -2.99 7.04 -3.97
C2 T6A A 11 -2.84 7.62 -5.16
N3 T6A A 11 -1.94 8.61 -5.38
C4 T6A A 11 -1.23 8.93 -4.27
C10 T6A A 11 -3.41 5.75 -1.31
O10 T6A A 11 -3.49 5.30 -0.17
N11 T6A A 11 -4.25 5.26 -2.28
C12 T6A A 11 -5.21 4.23 -1.90
C13 T6A A 11 -4.48 2.98 -1.46
ODA T6A A 11 -3.67 2.49 -2.27
ODB T6A A 11 -4.73 2.54 -0.31
C14 T6A A 11 -6.12 3.93 -3.09
O14 T6A A 11 -5.33 3.88 -4.25
C15 T6A A 11 -7.21 5.00 -3.27
H5' T6A A 11 3.81 12.69 -4.98
H5'' T6A A 11 2.93 14.03 -4.21
H4' T6A A 11 1.78 12.86 -6.22
H3' T6A A 11 0.50 13.18 -3.49
H2' T6A A 11 -1.41 12.00 -4.23
HO2' T6A A 11 -1.85 11.81 -6.53
H1' T6A A 11 -0.08 10.40 -6.18
H8 T6A A 11 0.94 10.56 -2.48
HN6 T6A A 11 -1.89 7.05 -0.81
H2 T6A A 11 -3.46 7.30 -5.99
HN1 T6A A 11 -4.17 5.64 -3.21
H12 T6A A 11 -5.81 4.62 -1.07
H14 T6A A 11 -6.58 2.95 -2.95
HO4 T6A A 11 -4.67 3.20 -4.14
H151 T6A A 11 -7.78 4.78 -4.17
H152 T6A A 11 -7.88 5.00 -2.42
H153 T6A A 11 -6.74 5.98 -3.36
N1 PSU A 13 -5.07 13.89 1.28
C2 PSU A 13 -4.76 13.18 2.37
N3 PSU A 13 -5.59 12.15 2.76
C4 PSU A 13 -6.74 11.74 2.11
C5 PSU A 13 -7.04 12.48 0.91
C6 PSU A 13 -6.28 13.54 0.55
O2 PSU A 13 -3.76 13.44 3.05
O4 PSU A 13 -7.41 10.81 2.55
C1' PSU A 13 -8.36 12.21 0.18
C2' PSU A 13 -9.48 13.10 0.72
O2' PSU A 13 -10.62 12.32 0.97
C3' PSU A 13 -9.75 14.11 -0.39
C4' PSU A 13 -9.36 13.31 -1.63
O3' PSU A 13 -11.13 14.50 -0.48
O4' PSU A 13 -8.27 12.48 -1.21
C5' PSU A 13 -8.96 14.19 -2.82
O5' PSU A 13 -7.73 14.83 -2.53
P PSU A 13 -7.07 15.87 -3.56
OP1 PSU A 13 -8.16 16.62 -4.22
OP2 PSU A 13 -6.01 16.60 -2.84
HN1 PSU A 13 -4.52 14.66 0.93
HN3 PSU A 13 -5.34 11.64 3.60
H6 PSU A 13 -6.56 14.14 -0.30
H1' PSU A 13 -8.64 11.16 0.30
H2' PSU A 13 -9.14 13.61 1.64
HO2' PSU A 13 -10.42 11.65 1.64
H3' PSU A 13 -9.08 14.97 -0.31
H4' PSU A 13 -10.19 12.65 -1.90
H5' PSU A 13 -8.86 13.56 -3.70
H5'' PSU A 13 -9.74 14.92 -2.98
N1 U8U A 8 6.25 -0.25 0.22
C2 U8U A 8 6.77 -0.18 -1.01
S2 U8U A 8 8.52 0.16 -1.28
N3 U8U A 8 5.94 -0.37 -2.11
C4 U8U A 8 4.59 -0.66 -2.09
O4 U8U A 8 3.97 -0.84 -3.13
C5 U8U A 8 4.03 -0.70 -0.75
C6 U8U A 8 4.81 -0.49 0.34
C U8U A 8 2.56 -0.99 -0.56
N U8U A 8 1.84 0.26 -0.26
CA U8U A 8 0.39 0.08 -0.11
C1' U8U A 8 7.04 -0.11 1.43
O2' U8U A 8 8.44 1.80 1.79
C2' U8U A 8 7.10 1.34 1.91
O3' U8U A 8 7.49 2.10 4.23
C3' U8U A 8 6.67 1.30 3.37
C4' U8U A 8 6.81 -0.18 3.73
O4' U8U A 8 6.51 -0.87 2.52
C5' U8U A 8 5.93 -0.65 4.88
O5' U8U A 8 4.57 -0.42 4.59
P U8U A 8 3.43 -0.84 5.65
OP1 U8U A 8 3.33 -2.31 5.67
OP2 U8U A 8 3.70 -0.10 6.91
HN3 U8U A 8 6.38 -0.32 -3.02
H6 U8U A 8 4.34 -0.48 1.32
HC1 U8U A 8 2.14 -1.44 -1.47
HC2 U8U A 8 2.43 -1.70 0.25
HN1 U8U A 8 2.01 0.91 -1.00
HA1 U8U A 8 -0.06 1.04 0.14
HA2 U8U A 8 -0.04 -0.27 -1.06
HA3 U8U A 8 0.18 -0.63 0.68
H1' U8U A 8 8.06 -0.47 1.25
HO2' U8U A 8 9.02 1.23 2.31
H2' U8U A 8 6.42 1.97 1.33
H3' U8U A 8 5.61 1.58 3.45
H4' U8U A 8 7.87 -0.38 3.97
H5' U8U A 8 6.09 -1.71 5.03
H5'' U8U A 8 6.20 -0.11 5.78
HN2 U8U A 8 2.22 0.64 0.60
P T6A A 11 3.25 12.89 -1.87
OP1 T6A A 11 3.65 14.31 -1.94
OP2 T6A A 11 2.76 12.32 -0.60
O5' T6A A 11 2.12 12.64 -3.00
C5' T6A A 11 2.14 13.34 -4.22
C4' T6A A 11 1.00 12.84 -5.10
O4' T6A A 11 0.97 11.41 -5.10
C3' T6A A 11 -0.37 13.28 -4.63
O3' T6A A 11 -0.68 14.59 -5.12
C2' T6A A 11 -1.26 12.19 -5.22
O2' T6A A 11 -1.67 12.54 -6.52
C1' T6A A 11 -0.37 10.96 -5.29
N9 T6A A 11 -0.75 10.00 -4.26
C8 T6A A 11 -0.32 10.01 -2.97
N7 T6A A 11 -0.93 9.09 -2.26
C5 T6A A 11 -1.80 8.48 -3.16
C6 T6A A 11 -2.75 7.46 -3.04
N6 T6A A 11 -2.95 6.81 -1.74
N1 T6A A 11 -3.45 7.13 -4.12
C2 T6A A 11 -3.30 7.73 -5.32
N3 T6A A 11 -2.41 8.73 -5.51
C4 T6A A 11 -1.71 9.04 -4.40
C10 T6A A 11 -3.87 5.81 -1.49
O10 T6A A 11 -3.95 5.34 -0.35
N11 T6A A 11 -4.71 5.32 -2.47
C12 T6A A 11 -5.65 4.27 -2.11
C13 T6A A 11 -4.90 3.02 -1.68
ODA T6A A 11 -5.44 2.28 -0.84
ODB T6A A 11 -3.78 2.82 -2.23
C14 T6A A 11 -6.56 3.98 -3.30
O14 T6A A 11 -5.77 3.97 -4.47
C15 T6A A 11 -7.66 5.03 -3.46
H5' T6A A 11 3.09 13.17 -4.74
H5'' T6A A 11 2.01 14.40 -4.04
H4' T6A A 11 1.15 13.16 -6.14
H3' T6A A 11 -0.39 13.24 -3.53
H2' T6A A 11 -2.13 11.98 -4.57
HO2' T6A A 11 -0.88 12.70 -7.07
H1' T6A A 11 -0.45 10.50 -6.28
H8 T6A A 11 0.43 10.68 -2.57
HN6 T6A A 11 -2.37 7.12 -0.97
H2 T6A A 11 -3.90 7.40 -6.16
HN1 T6A A 11 -4.63 5.70 -3.39
H12 T6A A 11 -6.25 4.64 -1.27
H14 T6A A 11 -7.00 2.99 -3.19
HO4 T6A A 11 -6.33 3.76 -5.22
H151 T6A A 11 -8.34 4.99 -2.61
H152 T6A A 11 -7.21 6.02 -3.52
H153 T6A A 11 -8.21 4.83 -4.37
N1 PSU A 13 -5.50 13.54 1.12
C2 PSU A 13 -5.14 12.84 2.19
N3 PSU A 13 -5.97 11.83 2.64
C4 PSU A 13 -7.17 11.45 2.07
C5 PSU A 13 -7.54 12.20 0.90
C6 PSU A 13 -6.77 13.23 0.48
O2 PSU A 13 -4.09 13.07 2.80
O4 PSU A 13 -7.83 10.53 2.57
C1' PSU A 13 -8.90 11.96 0.26
C2' PSU A 13 -9.95 12.88 0.87
O2' PSU A 13 -11.11 12.12 1.18
C3' PSU A 13 -10.27 13.88 -0.23
C4' PSU A 13 -9.99 13.07 -1.48
O3' PSU A 13 -11.63 14.34 -0.23
O4' PSU A 13 -8.90 12.22 -1.14
C5' PSU A 13 -9.65 13.93 -2.70
O5' PSU A 13 -8.41 14.57 -2.49
P PSU A 13 -7.81 15.62 -3.57
OP1 PSU A 13 -8.94 16.34 -4.19
OP2 PSU A 13 -6.73 16.38 -2.89
HN1 PSU A 13 -4.97 14.30 0.73
HN3 PSU A 13 -5.67 11.31 3.46
H6 PSU A 13 -7.09 13.84 -0.36
H1' PSU A 13 -9.20 10.91 0.40
H2' PSU A 13 -9.55 13.38 1.77
HO2' PSU A 13 -10.88 11.45 1.85
H3' PSU A 13 -9.56 14.72 -0.20
H4' PSU A 13 -10.85 12.43 -1.70
H5' PSU A 13 -9.58 13.28 -3.58
H5'' PSU A 13 -10.43 14.66 -2.85
N1 U8U A 8 5.88 -0.88 0.50
C2 U8U A 8 6.34 -0.92 -0.76
S2 U8U A 8 8.10 -0.69 -1.13
N3 U8U A 8 5.46 -1.17 -1.81
C4 U8U A 8 4.10 -1.38 -1.69
O4 U8U A 8 3.42 -1.61 -2.69
C5 U8U A 8 3.60 -1.31 -0.33
C6 U8U A 8 4.44 -1.04 0.70
C U8U A 8 2.13 -1.52 -0.06
N U8U A 8 1.49 -0.22 0.18
CA U8U A 8 0.03 -0.31 0.40
C1' U8U A 8 6.73 -0.69 1.66
O2' U8U A 8 8.20 1.20 1.84
C2' U8U A 8 6.87 0.79 2.03
O3' U8U A 8 7.35 1.71 4.28
C3' U8U A 8 6.48 0.87 3.51
C4' U8U A 8 6.61 -0.58 3.96
O4' U8U A 8 6.24 -1.35 2.82
C5' U8U A 8 5.76 -0.95 5.17
O5' U8U A 8 4.39 -0.70 4.93
P U8U A 8 3.30 -0.98 6.09
OP1 U8U A 8 3.15 -2.44 6.22
OP2 U8U A 8 3.65 -0.15 7.26
HN3 U8U A 8 5.85 -1.20 -2.74
H6 U8U A 8 4.02 -0.95 1.69
HC1 U8U A 8 1.66 -2.01 -0.91
HC2 U8U A 8 2.00 -2.16 0.82
HN1 U8U A 8 1.64 0.38 -0.62
HA1 U8U A 8 -0.36 0.69 0.61
HA2 U8U A 8 -0.46 -0.71 -0.48
HA3 U8U A 8 -0.18 -0.96 1.26
H1' U8U A 8 7.74 -1.08 1.47
HO2' U8U A 8 8.44 1.11 0.90
H2' U8U A 8 6.18 1.41 1.43
H3' U8U A 8 5.44 1.18 3.60
H4' U8U A 8 7.66 -0.79 4.17
H5' U8U A 8 5.89 -2.00 5.39
H5'' U8U A 8 6.09 -0.36 6.02
HN2 U8U A 8 1.91 0.22 0.99
P T6A A 11 3.02 12.14 -2.28
OP1 T6A A 11 3.44 13.55 -2.33
OP2 T6A A 11 2.48 11.58 -1.02
O5' T6A A 11 1.92 11.90 -3.44
C5' T6A A 11 1.99 12.59 -4.66
C4' T6A A 11 0.85 12.13 -5.56
O4' T6A A 11 0.77 10.71 -5.56
C3' T6A A 11 -0.51 12.61 -5.11
O3' T6A A 11 -0.77 13.94 -5.59
C2' T6A A 11 -1.42 11.56 -5.74
O2' T6A A 11 -1.76 11.93 -7.06
C1' T6A A 11 -0.57 10.29 -5.78
N9 T6A A 11 -1.02 9.37 -4.76
C8 T6A A 11 -0.58 9.34 -3.48
N7 T6A A 11 -1.25 8.45 -2.77
C5 T6A A 11 -2.17 7.91 -3.68
C6 T6A A 11 -3.18 6.94 -3.55
N6 T6A A 11 -3.40 6.29 -2.27
N1 T6A A 11 -3.90 6.67 -4.65
C2 T6A A 11 -3.71 7.27 -5.84
N3 T6A A 11 -2.76 8.21 -6.02
C4 T6A A 11 -2.04 8.47 -4.91
C10 T6A A 11 -4.39 5.35 -2.01
O10 T6A A 11 -4.48 4.86 -0.88
N11 T6A A 11 -5.27 4.92 -3.00
C12 T6A A 11 -6.26 3.93 -2.64
C13 T6A A 11 -5.58 2.63 -2.26
ODA T6A A 11 -5.88 2.14 -1.14
ODB T6A A 11 -4.77 2.15 -3.08
C14 T6A A 11 -7.20 3.71 -3.83
O14 T6A A 11 -6.43 3.69 -5.01
C15 T6A A 11 -8.24 4.84 -3.93
H5' T6A A 11 2.94 12.38 -5.15
H5'' T6A A 11 1.90 13.66 -4.49
H4' T6A A 11 1.04 12.45 -6.60
H3' T6A A 11 -0.56 12.56 -4.02
H2' T6A A 11 -2.32 11.38 -5.14
HO2' T6A A 11 -2.29 11.24 -7.47
H1' T6A A 11 -0.65 9.83 -6.79
H8 T6A A 11 0.20 9.96 -3.08
HN6 T6A A 11 -2.80 6.56 -1.50
H2 T6A A 11 -4.34 6.99 -6.67
HN1 T6A A 11 -5.16 5.32 -3.92
H12 T6A A 11 -6.83 4.32 -1.80
H14 T6A A 11 -7.69 2.75 -3.72
HO4 T6A A 11 -7.01 3.54 -5.76
H151 T6A A 11 -8.81 4.70 -4.85
H152 T6A A 11 -8.92 4.81 -3.09
H153 T6A A 11 -7.73 5.80 -3.97
N1 PSU A 13 -5.35 13.27 0.76
C2 PSU A 13 -4.95 12.58 1.82
N3 PSU A 13 -5.78 11.59 2.34
C4 PSU A 13 -7.01 11.21 1.82
C5 PSU A 13 -7.40 11.94 0.63
C6 PSU A 13 -6.63 12.95 0.16
O2 PSU A 13 -3.88 12.82 2.38
O4 PSU A 13 -7.66 10.33 2.36
C1' PSU A 13 -8.80 11.70 0.06
C2' PSU A 13 -9.82 12.65 0.67
O2' PSU A 13 -10.96 11.91 1.06
C3' PSU A 13 -10.18 13.61 -0.45
C4' PSU A 13 -9.94 12.77 -1.69
O3' PSU A 13 -11.53 14.06 -0.41
O4' PSU A 13 -8.84 11.91 -1.35
C5' PSU A 13 -9.63 13.58 -2.94
O5' PSU A 13 -8.38 14.22 -2.78
P PSU A 13 -7.78 15.21 -3.91
OP1 PSU A 13 -8.92 15.95 -4.51
OP2 PSU A 13 -6.66 15.96 -3.31
HN1 PSU A 13 -4.82 14.01 0.32
HN3 PSU A 13 -5.46 11.10 3.16
H6 PSU A 13 -6.98 13.53 -0.68
H1' PSU A 13 -9.11 10.65 0.23
H2' PSU A 13 -9.38 13.17 1.53
HO2' PSU A 13 -10.71 11.26 1.74
H3' PSU A 13 -9.46 14.46 -0.47
H4' PSU A 13 -10.81 12.13 -1.85
H5' PSU A 13 -9.61 12.93 -3.81
H5'' PSU A 13 -10.41 14.33 -3.07
#